data_2NAR
#
_entry.id   2NAR
#
_entity_poly.entity_id   1
_entity_poly.type   'polypeptide(L)'
_entity_poly.pdbx_seq_one_letter_code
;PNFNLASLNEEMFNVAALTKRADAKKLAKQLMGNDKLADAAYIWWQHNRVTLDQIDTFLKLASRKTQGAKYNQIYNSYMM
HLGLTGYEPNSSSVDKLAAALE
;
_entity_poly.pdbx_strand_id   A
#
# COMPACT_ATOMS: atom_id res chain seq x y z
N PRO A 1 -3.50 9.82 24.71
CA PRO A 1 -3.84 9.02 25.89
C PRO A 1 -3.87 7.53 25.59
N ASN A 2 -4.30 6.73 26.57
CA ASN A 2 -4.37 5.29 26.40
C ASN A 2 -5.63 4.89 25.63
N PHE A 3 -6.66 5.73 25.70
CA PHE A 3 -7.91 5.47 25.01
C PHE A 3 -7.68 5.32 23.51
N ASN A 4 -8.53 4.54 22.86
CA ASN A 4 -8.42 4.32 21.42
C ASN A 4 -9.72 4.69 20.71
N LEU A 5 -9.74 5.85 20.07
CA LEU A 5 -10.91 6.32 19.35
C LEU A 5 -11.19 5.44 18.14
N ALA A 6 -12.46 5.04 17.98
CA ALA A 6 -12.86 4.20 16.86
C ALA A 6 -13.89 4.91 15.99
N SER A 7 -13.69 4.84 14.67
CA SER A 7 -14.60 5.48 13.73
C SER A 7 -14.73 4.66 12.45
N LEU A 8 -15.54 5.14 11.52
CA LEU A 8 -15.76 4.45 10.26
C LEU A 8 -15.45 5.36 9.09
N ASN A 9 -14.27 5.18 8.49
CA ASN A 9 -13.86 5.99 7.35
C ASN A 9 -13.58 5.11 6.13
N GLU A 10 -14.62 4.87 5.34
CA GLU A 10 -14.48 4.05 4.13
C GLU A 10 -14.44 4.92 2.88
N GLU A 11 -14.23 6.22 3.08
CA GLU A 11 -14.16 7.15 1.96
C GLU A 11 -12.76 7.74 1.83
N MET A 12 -11.77 7.00 2.29
CA MET A 12 -10.38 7.45 2.22
C MET A 12 -9.65 6.81 1.03
N PHE A 13 -9.87 5.51 0.86
CA PHE A 13 -9.25 4.78 -0.24
C PHE A 13 -10.24 3.85 -0.92
N ASN A 14 -10.59 2.76 -0.24
CA ASN A 14 -11.54 1.80 -0.78
C ASN A 14 -11.14 1.38 -2.20
N VAL A 15 -9.97 0.78 -2.32
CA VAL A 15 -9.47 0.33 -3.62
C VAL A 15 -10.43 -0.65 -4.26
N ALA A 16 -11.21 -1.34 -3.43
CA ALA A 16 -12.18 -2.32 -3.92
C ALA A 16 -13.45 -1.63 -4.42
N ALA A 17 -13.54 -0.32 -4.19
CA ALA A 17 -14.70 0.45 -4.62
C ALA A 17 -14.30 1.53 -5.62
N LEU A 18 -13.04 1.93 -5.57
CA LEU A 18 -12.53 2.96 -6.47
C LEU A 18 -11.92 2.32 -7.73
N THR A 19 -12.29 2.84 -8.89
CA THR A 19 -11.79 2.34 -10.16
C THR A 19 -11.58 3.47 -11.16
N LYS A 20 -10.34 3.60 -11.64
CA LYS A 20 -10.00 4.64 -12.60
C LYS A 20 -8.51 4.60 -12.94
N ARG A 21 -8.15 5.22 -14.05
CA ARG A 21 -6.76 5.25 -14.50
C ARG A 21 -5.96 6.26 -13.67
N ALA A 22 -6.27 7.53 -13.84
CA ALA A 22 -5.59 8.60 -13.11
C ALA A 22 -6.12 8.73 -11.69
N ASP A 23 -7.45 8.73 -11.57
CA ASP A 23 -8.09 8.86 -10.27
C ASP A 23 -7.49 7.88 -9.27
N ALA A 24 -7.06 6.72 -9.77
CA ALA A 24 -6.46 5.70 -8.92
C ALA A 24 -5.01 6.03 -8.61
N LYS A 25 -4.25 6.37 -9.66
CA LYS A 25 -2.84 6.70 -9.50
C LYS A 25 -2.65 7.82 -8.49
N LYS A 26 -3.58 8.77 -8.49
CA LYS A 26 -3.52 9.90 -7.57
C LYS A 26 -3.73 9.44 -6.13
N LEU A 27 -4.72 8.59 -5.92
CA LEU A 27 -5.03 8.06 -4.59
C LEU A 27 -3.85 7.25 -4.05
N ALA A 28 -3.24 6.45 -4.92
CA ALA A 28 -2.10 5.62 -4.53
C ALA A 28 -0.86 6.47 -4.28
N LYS A 29 -0.71 7.54 -5.05
CA LYS A 29 0.43 8.43 -4.92
C LYS A 29 0.60 8.87 -3.46
N GLN A 30 -0.41 9.56 -2.93
CA GLN A 30 -0.36 10.03 -1.55
C GLN A 30 -0.23 8.87 -0.58
N LEU A 31 -0.62 7.68 -1.03
CA LEU A 31 -0.54 6.49 -0.19
C LEU A 31 0.83 5.85 -0.28
N MET A 32 1.63 6.31 -1.24
CA MET A 32 2.98 5.78 -1.43
C MET A 32 4.02 6.76 -0.89
N GLY A 33 3.65 8.02 -0.78
CA GLY A 33 4.56 9.04 -0.28
C GLY A 33 4.38 9.30 1.20
N ASN A 34 3.13 9.58 1.59
CA ASN A 34 2.82 9.86 2.99
C ASN A 34 2.88 8.58 3.83
N ASP A 35 3.88 8.51 4.71
CA ASP A 35 4.03 7.33 5.57
C ASP A 35 2.98 7.31 6.66
N LYS A 36 2.83 8.44 7.36
CA LYS A 36 1.84 8.55 8.43
C LYS A 36 0.44 8.22 7.92
N LEU A 37 0.21 8.46 6.63
CA LEU A 37 -1.09 8.18 6.03
C LEU A 37 -1.18 6.72 5.58
N ALA A 38 -0.22 6.31 4.76
CA ALA A 38 -0.20 4.93 4.27
C ALA A 38 -0.24 3.93 5.42
N ASP A 39 0.25 4.35 6.58
CA ASP A 39 0.27 3.48 7.75
C ASP A 39 -1.14 3.02 8.11
N ALA A 40 -2.09 3.94 8.01
CA ALA A 40 -3.49 3.63 8.32
C ALA A 40 -4.21 3.07 7.10
N ALA A 41 -3.63 3.30 5.93
CA ALA A 41 -4.22 2.81 4.68
C ALA A 41 -3.91 1.33 4.46
N TYR A 42 -2.63 0.99 4.46
CA TYR A 42 -2.20 -0.39 4.27
C TYR A 42 -2.92 -1.33 5.24
N ILE A 43 -3.26 -0.80 6.40
CA ILE A 43 -3.95 -1.58 7.42
C ILE A 43 -5.46 -1.56 7.21
N TRP A 44 -5.95 -0.48 6.59
CA TRP A 44 -7.37 -0.34 6.33
C TRP A 44 -7.86 -1.41 5.36
N TRP A 45 -7.24 -1.48 4.19
CA TRP A 45 -7.61 -2.47 3.18
C TRP A 45 -7.73 -3.85 3.80
N GLN A 46 -6.68 -4.30 4.44
CA GLN A 46 -6.67 -5.62 5.08
C GLN A 46 -7.89 -5.80 5.98
N HIS A 47 -8.27 -4.72 6.66
CA HIS A 47 -9.42 -4.76 7.56
C HIS A 47 -10.67 -5.25 6.82
N ASN A 48 -10.76 -4.92 5.54
CA ASN A 48 -11.90 -5.32 4.72
C ASN A 48 -11.58 -6.59 3.93
N ARG A 49 -10.65 -7.38 4.45
CA ARG A 49 -10.26 -8.62 3.80
C ARG A 49 -9.90 -8.38 2.34
N VAL A 50 -9.03 -7.39 2.10
CA VAL A 50 -8.60 -7.06 0.76
C VAL A 50 -7.69 -8.13 0.18
N THR A 51 -7.60 -8.19 -1.14
CA THR A 51 -6.77 -9.18 -1.81
C THR A 51 -5.58 -8.52 -2.52
N LEU A 52 -4.44 -9.19 -2.49
CA LEU A 52 -3.23 -8.68 -3.13
C LEU A 52 -3.49 -8.29 -4.58
N ASP A 53 -4.21 -9.16 -5.29
CA ASP A 53 -4.53 -8.92 -6.69
C ASP A 53 -5.27 -7.60 -6.86
N GLN A 54 -5.92 -7.16 -5.79
CA GLN A 54 -6.67 -5.91 -5.82
C GLN A 54 -5.75 -4.72 -5.57
N ILE A 55 -5.21 -4.65 -4.37
CA ILE A 55 -4.31 -3.55 -4.00
C ILE A 55 -3.15 -3.44 -4.99
N ASP A 56 -2.77 -4.56 -5.58
CA ASP A 56 -1.68 -4.59 -6.55
C ASP A 56 -2.06 -3.80 -7.81
N THR A 57 -3.15 -4.19 -8.44
CA THR A 57 -3.62 -3.53 -9.65
C THR A 57 -3.87 -2.04 -9.40
N PHE A 58 -4.03 -1.67 -8.14
CA PHE A 58 -4.27 -0.29 -7.76
C PHE A 58 -2.96 0.46 -7.60
N LEU A 59 -2.13 -0.01 -6.67
CA LEU A 59 -0.84 0.63 -6.41
C LEU A 59 0.06 0.56 -7.63
N LYS A 60 0.15 -0.62 -8.23
CA LYS A 60 0.97 -0.82 -9.42
C LYS A 60 0.66 0.23 -10.48
N LEU A 61 -0.62 0.39 -10.78
CA LEU A 61 -1.06 1.36 -11.78
C LEU A 61 -0.51 2.75 -11.46
N ALA A 62 -0.22 3.00 -10.19
CA ALA A 62 0.31 4.27 -9.75
C ALA A 62 1.83 4.31 -9.88
N SER A 63 2.47 3.15 -9.76
CA SER A 63 3.91 3.04 -9.86
C SER A 63 4.33 2.57 -11.25
N ARG A 64 5.62 2.28 -11.41
CA ARG A 64 6.14 1.82 -12.70
C ARG A 64 5.39 0.59 -13.18
N LYS A 65 5.70 0.14 -14.39
CA LYS A 65 5.05 -1.03 -14.97
C LYS A 65 5.90 -2.28 -14.77
N THR A 66 6.71 -2.28 -13.71
CA THR A 66 7.58 -3.41 -13.41
C THR A 66 7.09 -4.18 -12.20
N GLN A 67 5.84 -4.64 -12.26
CA GLN A 67 5.24 -5.40 -11.17
C GLN A 67 5.25 -4.57 -9.89
N GLY A 68 5.28 -3.25 -10.04
CA GLY A 68 5.28 -2.38 -8.88
C GLY A 68 6.37 -2.75 -7.88
N ALA A 69 7.56 -2.17 -8.06
CA ALA A 69 8.68 -2.45 -7.17
C ALA A 69 8.44 -1.85 -5.79
N LYS A 70 8.24 -0.53 -5.75
CA LYS A 70 8.00 0.18 -4.50
C LYS A 70 6.63 -0.18 -3.93
N TYR A 71 5.81 -0.85 -4.73
CA TYR A 71 4.48 -1.25 -4.31
C TYR A 71 4.54 -2.29 -3.19
N ASN A 72 5.53 -3.17 -3.28
CA ASN A 72 5.71 -4.21 -2.27
C ASN A 72 6.46 -3.67 -1.05
N GLN A 73 7.07 -2.50 -1.21
CA GLN A 73 7.83 -1.88 -0.13
C GLN A 73 6.90 -1.39 0.97
N ILE A 74 6.03 -0.44 0.63
CA ILE A 74 5.08 0.11 1.59
C ILE A 74 4.00 -0.90 1.94
N TYR A 75 3.79 -1.86 1.05
CA TYR A 75 2.77 -2.89 1.26
C TYR A 75 3.34 -4.04 2.07
N ASN A 76 4.66 -4.18 2.06
CA ASN A 76 5.33 -5.25 2.79
C ASN A 76 4.83 -5.31 4.24
N SER A 77 4.43 -4.15 4.77
CA SER A 77 3.94 -4.06 6.13
C SER A 77 2.83 -5.08 6.37
N TYR A 78 2.05 -5.36 5.33
CA TYR A 78 0.95 -6.32 5.43
C TYR A 78 1.44 -7.73 5.18
N MET A 79 1.99 -7.96 3.99
CA MET A 79 2.50 -9.28 3.62
C MET A 79 3.41 -9.84 4.70
N MET A 80 4.11 -8.94 5.40
CA MET A 80 5.01 -9.34 6.47
C MET A 80 4.24 -9.72 7.73
N HIS A 81 3.20 -8.94 8.04
CA HIS A 81 2.38 -9.20 9.22
C HIS A 81 1.64 -10.53 9.08
N LEU A 82 1.00 -10.73 7.94
CA LEU A 82 0.25 -11.95 7.69
C LEU A 82 1.19 -13.12 7.44
N GLY A 83 2.34 -12.83 6.81
CA GLY A 83 3.30 -13.87 6.52
C GLY A 83 2.82 -14.83 5.45
N LEU A 84 2.13 -14.29 4.44
CA LEU A 84 1.62 -15.11 3.35
C LEU A 84 2.23 -14.67 2.02
N THR A 85 3.44 -14.14 2.08
CA THR A 85 4.13 -13.68 0.88
C THR A 85 4.58 -14.86 0.02
N GLY A 86 5.09 -14.56 -1.17
CA GLY A 86 5.55 -15.62 -2.07
C GLY A 86 4.84 -15.59 -3.40
N TYR A 87 4.78 -14.42 -4.02
CA TYR A 87 4.12 -14.27 -5.30
C TYR A 87 5.13 -14.33 -6.45
N GLU A 88 6.12 -13.45 -6.40
CA GLU A 88 7.15 -13.41 -7.44
C GLU A 88 8.30 -14.34 -7.09
N PRO A 89 9.07 -14.74 -8.11
CA PRO A 89 10.22 -15.63 -7.94
C PRO A 89 11.38 -14.96 -7.20
N ASN A 90 11.65 -13.71 -7.54
CA ASN A 90 12.72 -12.96 -6.91
C ASN A 90 12.72 -11.51 -7.37
N SER A 91 13.34 -10.64 -6.58
CA SER A 91 13.41 -9.22 -6.91
C SER A 91 14.56 -8.55 -6.18
N SER A 92 15.23 -7.62 -6.85
CA SER A 92 16.36 -6.91 -6.28
C SER A 92 16.16 -5.40 -6.37
N SER A 93 16.83 -4.66 -5.50
CA SER A 93 16.73 -3.20 -5.48
C SER A 93 17.70 -2.60 -4.48
N VAL A 94 17.66 -1.27 -4.36
CA VAL A 94 18.54 -0.57 -3.43
C VAL A 94 17.80 -0.21 -2.15
N ASP A 95 18.48 -0.35 -1.02
CA ASP A 95 17.90 -0.04 0.28
C ASP A 95 18.39 1.31 0.79
N LYS A 96 18.53 2.27 -0.12
CA LYS A 96 19.00 3.60 0.24
C LYS A 96 17.94 4.36 1.02
N LEU A 97 16.69 4.26 0.58
CA LEU A 97 15.58 4.93 1.24
C LEU A 97 15.56 4.61 2.73
N ALA A 98 15.90 3.37 3.07
CA ALA A 98 15.93 2.93 4.46
C ALA A 98 16.97 3.71 5.26
N ALA A 99 18.15 3.90 4.66
CA ALA A 99 19.23 4.62 5.32
C ALA A 99 18.87 6.09 5.49
N ALA A 100 19.23 6.64 6.65
CA ALA A 100 18.95 8.05 6.94
C ALA A 100 19.85 8.97 6.13
N LEU A 101 19.59 10.27 6.22
CA LEU A 101 20.37 11.26 5.49
C LEU A 101 20.99 12.28 6.45
N GLU A 102 21.19 11.87 7.70
CA GLU A 102 21.78 12.75 8.70
C GLU A 102 23.28 12.88 8.50
N PRO A 1 -18.53 -3.56 16.93
CA PRO A 1 -17.24 -4.04 17.42
C PRO A 1 -16.72 -3.21 18.58
N ASN A 2 -16.78 -1.89 18.44
CA ASN A 2 -16.31 -0.98 19.49
C ASN A 2 -14.86 -1.27 19.85
N PHE A 3 -14.02 -1.41 18.84
CA PHE A 3 -12.60 -1.68 19.04
C PHE A 3 -11.76 -0.47 18.71
N ASN A 4 -12.09 0.18 17.58
CA ASN A 4 -11.35 1.36 17.15
C ASN A 4 -11.51 2.51 18.15
N LEU A 5 -10.69 3.54 17.99
CA LEU A 5 -10.74 4.69 18.88
C LEU A 5 -11.06 5.97 18.09
N ALA A 6 -11.86 5.82 17.05
CA ALA A 6 -12.26 6.96 16.23
C ALA A 6 -13.44 6.60 15.33
N SER A 7 -14.10 7.63 14.78
CA SER A 7 -15.24 7.42 13.91
C SER A 7 -14.86 6.58 12.69
N LEU A 8 -15.86 6.02 12.03
CA LEU A 8 -15.63 5.19 10.85
C LEU A 8 -15.42 6.05 9.62
N ASN A 9 -14.20 6.05 9.09
CA ASN A 9 -13.87 6.84 7.92
C ASN A 9 -13.53 5.93 6.74
N GLU A 10 -14.47 5.80 5.79
CA GLU A 10 -14.27 4.97 4.62
C GLU A 10 -14.11 5.82 3.37
N GLU A 11 -13.88 7.12 3.56
CA GLU A 11 -13.71 8.03 2.45
C GLU A 11 -12.28 8.59 2.42
N MET A 12 -11.33 7.78 2.87
CA MET A 12 -9.93 8.18 2.89
C MET A 12 -9.14 7.47 1.80
N PHE A 13 -9.42 6.18 1.61
CA PHE A 13 -8.73 5.39 0.60
C PHE A 13 -9.70 4.49 -0.13
N ASN A 14 -10.15 3.43 0.55
CA ASN A 14 -11.10 2.48 -0.04
C ASN A 14 -10.61 2.03 -1.41
N VAL A 15 -9.46 1.39 -1.45
CA VAL A 15 -8.89 0.89 -2.71
C VAL A 15 -9.85 -0.06 -3.41
N ALA A 16 -10.70 -0.72 -2.62
CA ALA A 16 -11.67 -1.66 -3.17
C ALA A 16 -12.88 -0.93 -3.76
N ALA A 17 -12.93 0.37 -3.53
CA ALA A 17 -14.03 1.20 -4.05
C ALA A 17 -13.53 2.22 -5.05
N LEU A 18 -12.25 2.58 -4.93
CA LEU A 18 -11.65 3.56 -5.84
C LEU A 18 -10.99 2.87 -7.02
N THR A 19 -11.30 3.35 -8.22
CA THR A 19 -10.73 2.78 -9.44
C THR A 19 -10.47 3.86 -10.48
N LYS A 20 -9.21 3.98 -10.91
CA LYS A 20 -8.83 4.97 -11.89
C LYS A 20 -7.33 4.90 -12.18
N ARG A 21 -6.92 5.49 -13.30
CA ARG A 21 -5.51 5.51 -13.68
C ARG A 21 -4.73 6.53 -12.86
N ALA A 22 -5.03 7.80 -13.08
CA ALA A 22 -4.36 8.87 -12.36
C ALA A 22 -4.95 9.06 -10.96
N ASP A 23 -6.28 9.11 -10.89
CA ASP A 23 -6.96 9.27 -9.62
C ASP A 23 -6.43 8.30 -8.57
N ALA A 24 -6.42 7.01 -8.91
CA ALA A 24 -5.93 5.99 -8.00
C ALA A 24 -4.43 6.13 -7.79
N LYS A 25 -3.74 6.73 -8.75
CA LYS A 25 -2.30 6.93 -8.67
C LYS A 25 -1.96 8.07 -7.70
N LYS A 26 -2.88 9.02 -7.58
CA LYS A 26 -2.68 10.16 -6.69
C LYS A 26 -2.96 9.77 -5.24
N LEU A 27 -3.91 8.86 -5.05
CA LEU A 27 -4.28 8.41 -3.71
C LEU A 27 -3.13 7.63 -3.06
N ALA A 28 -2.50 6.77 -3.85
CA ALA A 28 -1.38 5.97 -3.35
C ALA A 28 -0.13 6.82 -3.16
N LYS A 29 -0.06 7.92 -3.89
CA LYS A 29 1.08 8.83 -3.80
C LYS A 29 1.28 9.30 -2.36
N GLN A 30 0.27 9.96 -1.81
CA GLN A 30 0.33 10.46 -0.44
C GLN A 30 0.48 9.31 0.55
N LEU A 31 -0.06 8.16 0.19
CA LEU A 31 0.01 6.98 1.06
C LEU A 31 1.42 6.39 1.05
N MET A 32 2.16 6.67 -0.01
CA MET A 32 3.53 6.17 -0.13
C MET A 32 4.53 7.16 0.44
N GLY A 33 4.12 8.42 0.55
CA GLY A 33 4.99 9.45 1.08
C GLY A 33 4.72 9.73 2.54
N ASN A 34 3.47 10.02 2.87
CA ASN A 34 3.08 10.31 4.25
C ASN A 34 3.12 9.04 5.10
N ASP A 35 4.03 9.02 6.07
CA ASP A 35 4.16 7.88 6.96
C ASP A 35 3.07 7.88 8.03
N LYS A 36 2.88 9.03 8.68
CA LYS A 36 1.87 9.16 9.72
C LYS A 36 0.48 8.83 9.16
N LEU A 37 0.29 9.04 7.87
CA LEU A 37 -0.98 8.76 7.23
C LEU A 37 -1.06 7.30 6.79
N ALA A 38 -0.05 6.85 6.07
CA ALA A 38 -0.01 5.46 5.60
C ALA A 38 -0.14 4.48 6.77
N ASP A 39 0.30 4.90 7.94
CA ASP A 39 0.24 4.06 9.13
C ASP A 39 -1.20 3.65 9.41
N ALA A 40 -2.13 4.58 9.25
CA ALA A 40 -3.55 4.32 9.49
C ALA A 40 -4.22 3.75 8.24
N ALA A 41 -3.57 3.95 7.09
CA ALA A 41 -4.10 3.45 5.82
C ALA A 41 -3.83 1.97 5.65
N TYR A 42 -2.54 1.59 5.71
CA TYR A 42 -2.15 0.20 5.55
C TYR A 42 -2.94 -0.69 6.50
N ILE A 43 -3.33 -0.14 7.64
CA ILE A 43 -4.11 -0.89 8.62
C ILE A 43 -5.60 -0.83 8.32
N TRP A 44 -6.03 0.27 7.72
CA TRP A 44 -7.44 0.45 7.38
C TRP A 44 -7.91 -0.63 6.40
N TRP A 45 -7.21 -0.76 5.28
CA TRP A 45 -7.56 -1.75 4.28
C TRP A 45 -7.80 -3.11 4.92
N GLN A 46 -6.84 -3.58 5.71
CA GLN A 46 -6.95 -4.86 6.38
C GLN A 46 -8.28 -4.97 7.12
N HIS A 47 -8.71 -3.87 7.73
CA HIS A 47 -9.97 -3.85 8.47
C HIS A 47 -11.13 -4.32 7.60
N ASN A 48 -11.05 -4.02 6.30
CA ASN A 48 -12.09 -4.43 5.37
C ASN A 48 -11.72 -5.73 4.67
N ARG A 49 -10.89 -6.54 5.33
CA ARG A 49 -10.47 -7.81 4.79
C ARG A 49 -9.93 -7.64 3.37
N VAL A 50 -9.12 -6.60 3.16
CA VAL A 50 -8.55 -6.32 1.85
C VAL A 50 -7.66 -7.48 1.40
N THR A 51 -7.52 -7.63 0.08
CA THR A 51 -6.70 -8.69 -0.49
C THR A 51 -5.43 -8.12 -1.12
N LEU A 52 -4.33 -8.85 -0.99
CA LEU A 52 -3.06 -8.43 -1.55
C LEU A 52 -3.19 -8.13 -3.04
N ASP A 53 -3.90 -8.98 -3.75
CA ASP A 53 -4.10 -8.81 -5.18
C ASP A 53 -4.74 -7.46 -5.48
N GLN A 54 -5.43 -6.90 -4.49
CA GLN A 54 -6.09 -5.61 -4.64
C GLN A 54 -5.10 -4.47 -4.42
N ILE A 55 -4.62 -4.34 -3.20
CA ILE A 55 -3.66 -3.29 -2.85
C ILE A 55 -2.45 -3.33 -3.77
N ASP A 56 -2.12 -4.52 -4.25
CA ASP A 56 -0.97 -4.70 -5.14
C ASP A 56 -1.26 -4.10 -6.51
N THR A 57 -2.53 -4.10 -6.90
CA THR A 57 -2.92 -3.55 -8.20
C THR A 57 -3.18 -2.05 -8.10
N PHE A 58 -3.40 -1.56 -6.89
CA PHE A 58 -3.66 -0.14 -6.67
C PHE A 58 -2.35 0.63 -6.51
N LEU A 59 -1.61 0.31 -5.45
CA LEU A 59 -0.33 0.97 -5.18
C LEU A 59 0.60 0.88 -6.39
N LYS A 60 0.74 -0.33 -6.93
CA LYS A 60 1.59 -0.55 -8.09
C LYS A 60 1.26 0.42 -9.21
N LEU A 61 -0.03 0.52 -9.54
CA LEU A 61 -0.48 1.42 -10.59
C LEU A 61 -0.02 2.85 -10.33
N ALA A 62 0.22 3.16 -9.05
CA ALA A 62 0.66 4.49 -8.66
C ALA A 62 2.16 4.64 -8.85
N SER A 63 2.89 3.54 -8.74
CA SER A 63 4.34 3.55 -8.90
C SER A 63 4.75 2.94 -10.24
N ARG A 64 6.04 2.73 -10.42
CA ARG A 64 6.56 2.16 -11.65
C ARG A 64 5.95 0.78 -11.91
N LYS A 65 6.08 0.31 -13.14
CA LYS A 65 5.55 -0.99 -13.53
C LYS A 65 6.57 -2.10 -13.29
N THR A 66 7.16 -2.11 -12.11
CA THR A 66 8.16 -3.11 -11.75
C THR A 66 7.73 -3.92 -10.55
N GLN A 67 6.51 -4.46 -10.60
CA GLN A 67 5.97 -5.25 -9.51
C GLN A 67 5.90 -4.44 -8.22
N GLY A 68 5.91 -3.12 -8.36
CA GLY A 68 5.85 -2.25 -7.21
C GLY A 68 6.88 -2.60 -6.15
N ALA A 69 8.10 -2.13 -6.35
CA ALA A 69 9.19 -2.40 -5.42
C ALA A 69 8.93 -1.70 -4.08
N LYS A 70 8.81 -0.38 -4.11
CA LYS A 70 8.56 0.39 -2.91
C LYS A 70 7.16 0.14 -2.37
N TYR A 71 6.32 -0.53 -3.17
CA TYR A 71 4.96 -0.84 -2.77
C TYR A 71 4.94 -1.80 -1.59
N ASN A 72 5.91 -2.72 -1.56
CA ASN A 72 6.01 -3.70 -0.48
C ASN A 72 6.70 -3.10 0.74
N GLN A 73 7.34 -1.95 0.55
CA GLN A 73 8.05 -1.28 1.63
C GLN A 73 7.07 -0.76 2.67
N ILE A 74 6.21 0.17 2.26
CA ILE A 74 5.22 0.76 3.16
C ILE A 74 4.10 -0.24 3.47
N TYR A 75 3.96 -1.23 2.60
CA TYR A 75 2.92 -2.25 2.79
C TYR A 75 3.42 -3.37 3.70
N ASN A 76 4.73 -3.50 3.82
CA ASN A 76 5.33 -4.52 4.66
C ASN A 76 4.66 -4.56 6.03
N SER A 77 4.25 -3.39 6.52
CA SER A 77 3.60 -3.30 7.82
C SER A 77 2.43 -4.27 7.91
N TYR A 78 1.66 -4.36 6.84
CA TYR A 78 0.50 -5.24 6.80
C TYR A 78 0.94 -6.70 6.83
N MET A 79 1.70 -7.11 5.81
CA MET A 79 2.19 -8.48 5.73
C MET A 79 2.89 -8.89 7.02
N MET A 80 3.47 -7.92 7.70
CA MET A 80 4.16 -8.18 8.96
C MET A 80 3.18 -8.55 10.07
N HIS A 81 2.03 -7.88 10.08
CA HIS A 81 1.01 -8.12 11.09
C HIS A 81 0.30 -9.45 10.82
N LEU A 82 -0.11 -9.66 9.57
CA LEU A 82 -0.81 -10.88 9.19
C LEU A 82 0.14 -12.08 9.25
N GLY A 83 1.42 -11.84 8.97
CA GLY A 83 2.40 -12.91 9.01
C GLY A 83 2.25 -13.87 7.84
N LEU A 84 1.78 -13.36 6.71
CA LEU A 84 1.59 -14.17 5.52
C LEU A 84 2.51 -13.71 4.39
N THR A 85 3.62 -13.08 4.76
CA THR A 85 4.59 -12.59 3.78
C THR A 85 5.05 -13.71 2.85
N GLY A 86 5.76 -13.33 1.80
CA GLY A 86 6.25 -14.32 0.83
C GLY A 86 5.95 -13.93 -0.60
N TYR A 87 6.02 -12.63 -0.89
CA TYR A 87 5.75 -12.14 -2.23
C TYR A 87 7.01 -11.53 -2.85
N GLU A 88 6.98 -11.34 -4.17
CA GLU A 88 8.12 -10.77 -4.88
C GLU A 88 9.37 -11.59 -4.64
N PRO A 89 9.44 -12.77 -5.26
CA PRO A 89 10.59 -13.67 -5.14
C PRO A 89 11.83 -13.14 -5.83
N ASN A 90 12.88 -13.94 -5.86
CA ASN A 90 14.14 -13.55 -6.48
C ASN A 90 13.91 -13.14 -7.94
N SER A 91 14.60 -12.08 -8.37
CA SER A 91 14.47 -11.59 -9.74
C SER A 91 15.56 -10.58 -10.06
N SER A 92 15.64 -10.17 -11.32
CA SER A 92 16.64 -9.22 -11.75
C SER A 92 16.09 -7.79 -11.68
N SER A 93 16.88 -6.90 -11.10
CA SER A 93 16.47 -5.50 -10.96
C SER A 93 17.60 -4.66 -10.39
N VAL A 94 17.32 -3.37 -10.16
CA VAL A 94 18.31 -2.46 -9.61
C VAL A 94 18.04 -2.20 -8.13
N ASP A 95 19.11 -1.88 -7.39
CA ASP A 95 18.98 -1.60 -5.96
C ASP A 95 19.58 -0.23 -5.63
N LYS A 96 20.68 0.10 -6.30
CA LYS A 96 21.35 1.38 -6.07
C LYS A 96 20.43 2.55 -6.43
N LEU A 97 19.79 2.45 -7.58
CA LEU A 97 18.88 3.50 -8.04
C LEU A 97 17.56 3.46 -7.26
N ALA A 98 17.16 2.26 -6.86
CA ALA A 98 15.92 2.08 -6.11
C ALA A 98 15.92 2.94 -4.84
N ALA A 99 17.08 3.05 -4.20
CA ALA A 99 17.21 3.85 -2.99
C ALA A 99 17.38 5.33 -3.31
N ALA A 100 16.28 5.98 -3.66
CA ALA A 100 16.31 7.40 -3.99
C ALA A 100 15.99 8.26 -2.77
N LEU A 101 16.80 9.28 -2.55
CA LEU A 101 16.60 10.18 -1.42
C LEU A 101 17.14 11.58 -1.74
N GLU A 102 16.22 12.53 -1.89
CA GLU A 102 16.60 13.91 -2.19
C GLU A 102 17.47 14.49 -1.09
N PRO A 1 -10.54 6.65 24.74
CA PRO A 1 -10.57 8.10 24.57
C PRO A 1 -11.84 8.57 23.86
N ASN A 2 -12.17 7.90 22.76
CA ASN A 2 -13.35 8.26 21.98
C ASN A 2 -13.22 9.67 21.41
N PHE A 3 -11.99 10.08 21.16
CA PHE A 3 -11.73 11.41 20.61
C PHE A 3 -12.42 11.58 19.25
N ASN A 4 -12.56 10.47 18.53
CA ASN A 4 -13.20 10.51 17.22
C ASN A 4 -14.69 10.83 17.33
N LEU A 5 -15.23 11.46 16.29
CA LEU A 5 -16.64 11.82 16.28
C LEU A 5 -17.41 10.99 15.27
N ALA A 6 -16.74 10.63 14.18
CA ALA A 6 -17.37 9.83 13.13
C ALA A 6 -17.67 8.41 13.63
N SER A 7 -18.20 7.58 12.75
CA SER A 7 -18.53 6.20 13.09
C SER A 7 -17.33 5.29 12.92
N LEU A 8 -17.01 4.97 11.68
CA LEU A 8 -15.88 4.10 11.37
C LEU A 8 -14.85 4.82 10.50
N ASN A 9 -13.73 4.15 10.23
CA ASN A 9 -12.67 4.73 9.41
C ASN A 9 -12.45 3.90 8.15
N GLU A 10 -13.45 3.87 7.29
CA GLU A 10 -13.36 3.11 6.04
C GLU A 10 -13.49 4.03 4.83
N GLU A 11 -13.32 5.34 5.07
CA GLU A 11 -13.41 6.33 3.99
C GLU A 11 -12.07 7.00 3.76
N MET A 12 -11.00 6.30 4.13
CA MET A 12 -9.65 6.83 3.96
C MET A 12 -9.01 6.29 2.68
N PHE A 13 -9.19 5.00 2.44
CA PHE A 13 -8.63 4.35 1.26
C PHE A 13 -9.66 3.42 0.61
N ASN A 14 -9.90 2.28 1.25
CA ASN A 14 -10.86 1.31 0.74
C ASN A 14 -10.58 1.00 -0.73
N VAL A 15 -9.41 0.43 -1.00
CA VAL A 15 -9.02 0.09 -2.36
C VAL A 15 -10.01 -0.91 -2.97
N ALA A 16 -10.66 -1.69 -2.13
CA ALA A 16 -11.63 -2.67 -2.58
C ALA A 16 -12.97 -2.01 -2.91
N ALA A 17 -13.09 -0.73 -2.58
CA ALA A 17 -14.32 0.01 -2.84
C ALA A 17 -14.06 1.16 -3.80
N LEU A 18 -12.82 1.62 -3.86
CA LEU A 18 -12.45 2.71 -4.75
C LEU A 18 -11.94 2.19 -6.09
N THR A 19 -12.46 2.74 -7.18
CA THR A 19 -12.05 2.33 -8.51
C THR A 19 -12.00 3.51 -9.47
N LYS A 20 -10.84 3.74 -10.06
CA LYS A 20 -10.65 4.84 -10.99
C LYS A 20 -9.21 4.91 -11.49
N ARG A 21 -9.01 5.56 -12.63
CA ARG A 21 -7.67 5.69 -13.20
C ARG A 21 -6.86 6.75 -12.45
N ALA A 22 -7.36 7.99 -12.47
CA ALA A 22 -6.68 9.08 -11.79
C ALA A 22 -6.96 9.05 -10.28
N ASP A 23 -8.23 8.92 -9.93
CA ASP A 23 -8.63 8.89 -8.53
C ASP A 23 -7.75 7.91 -7.74
N ALA A 24 -7.73 6.66 -8.19
CA ALA A 24 -6.93 5.63 -7.53
C ALA A 24 -5.45 5.98 -7.54
N LYS A 25 -5.03 6.71 -8.57
CA LYS A 25 -3.63 7.11 -8.70
C LYS A 25 -3.30 8.23 -7.71
N LYS A 26 -4.31 9.01 -7.35
CA LYS A 26 -4.12 10.11 -6.41
C LYS A 26 -4.10 9.60 -4.97
N LEU A 27 -4.93 8.60 -4.69
CA LEU A 27 -5.00 8.01 -3.36
C LEU A 27 -3.70 7.31 -2.99
N ALA A 28 -3.19 6.50 -3.92
CA ALA A 28 -1.94 5.78 -3.70
C ALA A 28 -0.76 6.72 -3.66
N LYS A 29 -0.90 7.87 -4.31
CA LYS A 29 0.16 8.87 -4.36
C LYS A 29 0.61 9.24 -2.95
N GLN A 30 -0.30 9.79 -2.16
CA GLN A 30 0.00 10.18 -0.79
C GLN A 30 0.37 8.97 0.06
N LEU A 31 -0.25 7.83 -0.25
CA LEU A 31 0.02 6.60 0.49
C LEU A 31 1.45 6.12 0.26
N MET A 32 2.01 6.49 -0.89
CA MET A 32 3.37 6.10 -1.24
C MET A 32 4.37 7.18 -0.83
N GLY A 33 3.86 8.23 -0.19
CA GLY A 33 4.73 9.31 0.24
C GLY A 33 4.72 9.50 1.75
N ASN A 34 3.54 9.68 2.32
CA ASN A 34 3.39 9.88 3.76
C ASN A 34 3.58 8.55 4.50
N ASP A 35 4.63 8.48 5.31
CA ASP A 35 4.92 7.27 6.08
C ASP A 35 3.96 7.14 7.27
N LYS A 36 3.66 8.26 7.90
CA LYS A 36 2.77 8.28 9.05
C LYS A 36 1.37 7.80 8.67
N LEU A 37 0.97 8.12 7.44
CA LEU A 37 -0.34 7.71 6.94
C LEU A 37 -0.30 6.30 6.37
N ALA A 38 0.63 6.06 5.46
CA ALA A 38 0.78 4.75 4.84
C ALA A 38 0.88 3.65 5.89
N ASP A 39 1.52 3.97 7.01
CA ASP A 39 1.68 3.01 8.11
C ASP A 39 0.33 2.49 8.56
N ALA A 40 -0.66 3.37 8.63
CA ALA A 40 -2.00 3.00 9.05
C ALA A 40 -2.82 2.48 7.88
N ALA A 41 -2.39 2.80 6.67
CA ALA A 41 -3.09 2.38 5.46
C ALA A 41 -2.74 0.93 5.12
N TYR A 42 -1.45 0.66 4.94
CA TYR A 42 -1.00 -0.69 4.60
C TYR A 42 -1.56 -1.71 5.58
N ILE A 43 -1.80 -1.27 6.81
CA ILE A 43 -2.33 -2.15 7.84
C ILE A 43 -3.86 -2.20 7.79
N TRP A 44 -4.46 -1.10 7.35
CA TRP A 44 -5.91 -1.01 7.26
C TRP A 44 -6.46 -2.05 6.28
N TRP A 45 -5.95 -2.02 5.05
CA TRP A 45 -6.39 -2.95 4.02
C TRP A 45 -6.41 -4.38 4.56
N GLN A 46 -5.28 -4.83 5.09
CA GLN A 46 -5.18 -6.17 5.64
C GLN A 46 -6.32 -6.45 6.62
N HIS A 47 -6.63 -5.46 7.44
CA HIS A 47 -7.70 -5.59 8.43
C HIS A 47 -9.00 -6.00 7.77
N ASN A 48 -9.20 -5.56 6.53
CA ASN A 48 -10.41 -5.88 5.79
C ASN A 48 -10.19 -7.09 4.89
N ARG A 49 -9.24 -7.94 5.26
CA ARG A 49 -8.92 -9.13 4.49
C ARG A 49 -8.70 -8.79 3.03
N VAL A 50 -7.78 -7.85 2.78
CA VAL A 50 -7.47 -7.43 1.41
C VAL A 50 -6.59 -8.46 0.71
N THR A 51 -6.62 -8.44 -0.61
CA THR A 51 -5.82 -9.37 -1.42
C THR A 51 -4.76 -8.63 -2.21
N LEU A 52 -3.59 -9.26 -2.35
CA LEU A 52 -2.49 -8.66 -3.09
C LEU A 52 -2.94 -8.24 -4.49
N ASP A 53 -3.72 -9.10 -5.15
CA ASP A 53 -4.22 -8.82 -6.49
C ASP A 53 -5.03 -7.53 -6.50
N GLN A 54 -5.58 -7.16 -5.34
CA GLN A 54 -6.38 -5.95 -5.22
C GLN A 54 -5.49 -4.72 -5.03
N ILE A 55 -4.80 -4.67 -3.91
CA ILE A 55 -3.91 -3.55 -3.60
C ILE A 55 -2.92 -3.32 -4.74
N ASP A 56 -2.42 -4.40 -5.32
CA ASP A 56 -1.47 -4.32 -6.41
C ASP A 56 -2.04 -3.51 -7.58
N THR A 57 -3.18 -3.95 -8.09
CA THR A 57 -3.84 -3.27 -9.19
C THR A 57 -4.12 -1.81 -8.86
N PHE A 58 -4.13 -1.50 -7.57
CA PHE A 58 -4.39 -0.14 -7.12
C PHE A 58 -3.09 0.67 -7.08
N LEU A 59 -2.18 0.28 -6.21
CA LEU A 59 -0.90 0.97 -6.08
C LEU A 59 -0.16 1.01 -7.41
N LYS A 60 -0.08 -0.14 -8.07
CA LYS A 60 0.59 -0.24 -9.36
C LYS A 60 0.09 0.84 -10.32
N LEU A 61 -1.22 0.92 -10.48
CA LEU A 61 -1.82 1.90 -11.37
C LEU A 61 -1.36 3.30 -11.02
N ALA A 62 -0.97 3.50 -9.76
CA ALA A 62 -0.50 4.80 -9.30
C ALA A 62 0.98 4.98 -9.59
N SER A 63 1.78 3.97 -9.26
CA SER A 63 3.22 4.03 -9.49
C SER A 63 3.54 3.95 -10.98
N ARG A 64 3.40 2.76 -11.54
CA ARG A 64 3.67 2.55 -12.97
C ARG A 64 3.18 1.17 -13.41
N LYS A 65 3.38 0.87 -14.69
CA LYS A 65 2.97 -0.41 -15.26
C LYS A 65 4.12 -1.41 -15.24
N THR A 66 5.07 -1.19 -14.34
CA THR A 66 6.23 -2.08 -14.23
C THR A 66 6.13 -2.96 -13.00
N GLN A 67 4.93 -3.51 -12.77
CA GLN A 67 4.70 -4.39 -11.63
C GLN A 67 4.88 -3.62 -10.31
N GLY A 68 4.86 -2.29 -10.41
CA GLY A 68 5.03 -1.47 -9.22
C GLY A 68 6.26 -1.85 -8.41
N ALA A 69 7.40 -1.31 -8.80
CA ALA A 69 8.66 -1.59 -8.10
C ALA A 69 8.61 -1.09 -6.66
N LYS A 70 8.40 0.21 -6.50
CA LYS A 70 8.33 0.82 -5.18
C LYS A 70 7.06 0.39 -4.45
N TYR A 71 6.11 -0.16 -5.20
CA TYR A 71 4.85 -0.60 -4.62
C TYR A 71 5.07 -1.74 -3.64
N ASN A 72 6.08 -2.55 -3.89
CA ASN A 72 6.40 -3.69 -3.03
C ASN A 72 7.24 -3.24 -1.84
N GLN A 73 7.77 -2.02 -1.92
CA GLN A 73 8.59 -1.47 -0.85
C GLN A 73 7.74 -1.09 0.36
N ILE A 74 6.84 -0.13 0.16
CA ILE A 74 5.96 0.33 1.22
C ILE A 74 4.94 -0.75 1.59
N TYR A 75 4.68 -1.66 0.66
CA TYR A 75 3.73 -2.73 0.89
C TYR A 75 4.41 -3.93 1.57
N ASN A 76 5.73 -4.00 1.42
CA ASN A 76 6.50 -5.09 2.01
C ASN A 76 6.17 -5.23 3.50
N SER A 77 5.83 -4.12 4.13
CA SER A 77 5.49 -4.13 5.55
C SER A 77 4.38 -5.14 5.85
N TYR A 78 3.54 -5.38 4.87
CA TYR A 78 2.44 -6.33 5.02
C TYR A 78 2.90 -7.76 4.74
N MET A 79 3.44 -7.98 3.55
CA MET A 79 3.92 -9.30 3.16
C MET A 79 4.85 -9.87 4.23
N MET A 80 5.60 -8.99 4.89
CA MET A 80 6.53 -9.41 5.94
C MET A 80 5.79 -9.65 7.25
N HIS A 81 4.75 -8.86 7.50
CA HIS A 81 3.96 -9.00 8.72
C HIS A 81 3.46 -10.43 8.89
N LEU A 82 2.69 -10.90 7.93
CA LEU A 82 2.15 -12.26 7.98
C LEU A 82 3.19 -13.28 7.55
N GLY A 83 4.06 -12.88 6.62
CA GLY A 83 5.10 -13.76 6.14
C GLY A 83 4.62 -14.68 5.03
N LEU A 84 3.78 -14.14 4.15
CA LEU A 84 3.24 -14.92 3.04
C LEU A 84 3.85 -14.47 1.71
N THR A 85 5.05 -13.90 1.78
CA THR A 85 5.75 -13.43 0.59
C THR A 85 6.04 -14.57 -0.36
N GLY A 86 6.42 -14.24 -1.59
CA GLY A 86 6.74 -15.25 -2.57
C GLY A 86 6.08 -14.97 -3.92
N TYR A 87 6.02 -13.70 -4.29
CA TYR A 87 5.43 -13.30 -5.56
C TYR A 87 6.47 -12.76 -6.52
N GLU A 88 6.17 -12.81 -7.82
CA GLU A 88 7.09 -12.32 -8.83
C GLU A 88 8.39 -13.12 -8.82
N PRO A 89 9.13 -13.05 -9.93
CA PRO A 89 10.40 -13.76 -10.08
C PRO A 89 11.50 -13.19 -9.20
N ASN A 90 12.40 -14.04 -8.73
CA ASN A 90 13.50 -13.60 -7.86
C ASN A 90 14.80 -13.52 -8.65
N SER A 91 14.93 -12.47 -9.46
CA SER A 91 16.13 -12.27 -10.27
C SER A 91 17.13 -11.40 -9.53
N SER A 92 16.68 -10.25 -9.06
CA SER A 92 17.55 -9.32 -8.34
C SER A 92 16.72 -8.38 -7.45
N SER A 93 17.41 -7.63 -6.60
CA SER A 93 16.75 -6.70 -5.69
C SER A 93 17.73 -5.66 -5.18
N VAL A 94 17.27 -4.83 -4.24
CA VAL A 94 18.10 -3.79 -3.66
C VAL A 94 17.42 -3.13 -2.46
N ASP A 95 18.14 -3.05 -1.34
CA ASP A 95 17.60 -2.46 -0.13
C ASP A 95 18.54 -1.37 0.40
N LYS A 96 19.29 -0.76 -0.51
CA LYS A 96 20.23 0.30 -0.14
C LYS A 96 19.48 1.59 0.18
N LEU A 97 18.37 1.82 -0.51
CA LEU A 97 17.56 3.02 -0.31
C LEU A 97 16.59 2.83 0.86
N ALA A 98 16.37 1.57 1.24
CA ALA A 98 15.47 1.26 2.33
C ALA A 98 15.83 2.03 3.59
N ALA A 99 17.10 1.92 4.00
CA ALA A 99 17.58 2.61 5.19
C ALA A 99 18.18 3.97 4.84
N ALA A 100 17.53 5.03 5.31
CA ALA A 100 18.00 6.39 5.04
C ALA A 100 17.45 7.37 6.08
N LEU A 101 17.96 8.59 6.05
CA LEU A 101 17.52 9.63 6.99
C LEU A 101 16.46 10.52 6.35
N GLU A 102 15.31 10.61 7.00
CA GLU A 102 14.22 11.43 6.50
C GLU A 102 13.68 12.35 7.59
N PRO A 1 5.41 -4.87 17.00
CA PRO A 1 4.95 -3.52 17.31
C PRO A 1 3.43 -3.42 17.31
N ASN A 2 2.79 -3.97 16.29
CA ASN A 2 1.34 -3.95 16.18
C ASN A 2 0.83 -2.51 16.15
N PHE A 3 1.50 -1.66 15.38
CA PHE A 3 1.11 -0.26 15.27
C PHE A 3 -0.04 -0.10 14.28
N ASN A 4 -1.25 0.06 14.80
CA ASN A 4 -2.42 0.22 13.96
C ASN A 4 -3.36 1.29 14.54
N LEU A 5 -4.32 1.72 13.73
CA LEU A 5 -5.28 2.74 14.16
C LEU A 5 -6.68 2.44 13.61
N ALA A 6 -7.68 3.09 14.18
CA ALA A 6 -9.06 2.89 13.75
C ALA A 6 -9.78 4.23 13.61
N SER A 7 -10.74 4.27 12.68
CA SER A 7 -11.50 5.49 12.43
C SER A 7 -12.65 5.23 11.47
N LEU A 8 -13.42 6.27 11.17
CA LEU A 8 -14.56 6.15 10.27
C LEU A 8 -14.28 6.89 8.96
N ASN A 9 -13.00 7.01 8.61
CA ASN A 9 -12.61 7.69 7.38
C ASN A 9 -12.43 6.69 6.25
N GLU A 10 -13.51 6.40 5.53
CA GLU A 10 -13.46 5.46 4.42
C GLU A 10 -13.57 6.19 3.09
N GLU A 11 -13.39 7.50 3.12
CA GLU A 11 -13.45 8.32 1.92
C GLU A 11 -12.08 8.88 1.57
N MET A 12 -11.04 8.13 1.91
CA MET A 12 -9.67 8.55 1.62
C MET A 12 -9.08 7.73 0.49
N PHE A 13 -9.36 6.43 0.48
CA PHE A 13 -8.86 5.53 -0.55
C PHE A 13 -9.95 4.57 -1.00
N ASN A 14 -10.29 3.62 -0.13
CA ASN A 14 -11.32 2.63 -0.44
C ASN A 14 -11.08 2.02 -1.82
N VAL A 15 -9.92 1.37 -1.98
CA VAL A 15 -9.58 0.75 -3.25
C VAL A 15 -10.63 -0.29 -3.66
N ALA A 16 -11.31 -0.86 -2.66
CA ALA A 16 -12.35 -1.85 -2.91
C ALA A 16 -13.65 -1.20 -3.34
N ALA A 17 -13.70 0.13 -3.26
CA ALA A 17 -14.89 0.88 -3.64
C ALA A 17 -14.59 1.84 -4.79
N LEU A 18 -13.31 2.07 -5.04
CA LEU A 18 -12.89 2.97 -6.11
C LEU A 18 -12.59 2.19 -7.39
N THR A 19 -12.79 2.83 -8.53
CA THR A 19 -12.53 2.21 -9.82
C THR A 19 -11.92 3.20 -10.81
N LYS A 20 -11.79 2.77 -12.05
CA LYS A 20 -11.23 3.62 -13.10
C LYS A 20 -9.73 3.82 -12.89
N ARG A 21 -8.98 3.81 -13.99
CA ARG A 21 -7.54 3.98 -13.92
C ARG A 21 -7.17 5.44 -13.65
N ALA A 22 -7.99 6.35 -14.16
CA ALA A 22 -7.77 7.77 -13.97
C ALA A 22 -7.92 8.17 -12.50
N ASP A 23 -9.11 7.93 -11.95
CA ASP A 23 -9.38 8.26 -10.56
C ASP A 23 -8.43 7.52 -9.63
N ALA A 24 -8.14 6.27 -9.96
CA ALA A 24 -7.24 5.45 -9.16
C ALA A 24 -5.81 5.98 -9.21
N LYS A 25 -5.31 6.19 -10.43
CA LYS A 25 -3.96 6.70 -10.63
C LYS A 25 -3.75 8.00 -9.88
N LYS A 26 -4.84 8.76 -9.71
CA LYS A 26 -4.78 10.03 -9.00
C LYS A 26 -4.62 9.82 -7.50
N LEU A 27 -5.17 8.72 -7.01
CA LEU A 27 -5.09 8.39 -5.59
C LEU A 27 -3.80 7.64 -5.28
N ALA A 28 -3.32 6.87 -6.25
CA ALA A 28 -2.10 6.09 -6.08
C ALA A 28 -0.87 6.97 -6.24
N LYS A 29 -1.01 8.06 -6.97
CA LYS A 29 0.08 8.99 -7.20
C LYS A 29 0.46 9.72 -5.91
N GLN A 30 -0.48 9.77 -4.97
CA GLN A 30 -0.24 10.44 -3.69
C GLN A 30 0.02 9.42 -2.59
N LEU A 31 -0.45 8.20 -2.80
CA LEU A 31 -0.26 7.13 -1.82
C LEU A 31 1.13 6.52 -1.94
N MET A 32 1.90 6.99 -2.92
CA MET A 32 3.25 6.49 -3.14
C MET A 32 4.28 7.60 -2.97
N GLY A 33 3.89 8.82 -3.32
CA GLY A 33 4.78 9.95 -3.21
C GLY A 33 4.83 10.51 -1.80
N ASN A 34 3.82 10.20 -1.01
CA ASN A 34 3.74 10.68 0.37
C ASN A 34 3.77 9.52 1.35
N ASP A 35 4.86 9.42 2.11
CA ASP A 35 5.01 8.36 3.10
C ASP A 35 4.20 8.65 4.35
N LYS A 36 3.89 9.92 4.57
CA LYS A 36 3.12 10.34 5.74
C LYS A 36 1.67 9.84 5.63
N LEU A 37 1.10 9.96 4.44
CA LEU A 37 -0.28 9.52 4.22
C LEU A 37 -0.33 8.02 3.95
N ALA A 38 0.55 7.54 3.07
CA ALA A 38 0.59 6.13 2.73
C ALA A 38 0.69 5.26 3.99
N ASP A 39 1.33 5.80 5.02
CA ASP A 39 1.49 5.08 6.28
C ASP A 39 0.13 4.70 6.87
N ALA A 40 -0.82 5.63 6.79
CA ALA A 40 -2.16 5.39 7.31
C ALA A 40 -3.04 4.70 6.27
N ALA A 41 -2.61 4.76 5.01
CA ALA A 41 -3.36 4.13 3.93
C ALA A 41 -3.10 2.64 3.87
N TYR A 42 -1.84 2.26 3.73
CA TYR A 42 -1.46 0.86 3.65
C TYR A 42 -2.03 0.07 4.84
N ILE A 43 -2.24 0.77 5.95
CA ILE A 43 -2.78 0.15 7.15
C ILE A 43 -4.31 0.14 7.13
N TRP A 44 -4.88 1.15 6.48
CA TRP A 44 -6.33 1.27 6.38
C TRP A 44 -6.92 0.10 5.60
N TRP A 45 -6.40 -0.12 4.40
CA TRP A 45 -6.88 -1.20 3.54
C TRP A 45 -6.97 -2.51 4.33
N GLN A 46 -5.87 -2.90 4.96
CA GLN A 46 -5.82 -4.12 5.74
C GLN A 46 -6.98 -4.17 6.74
N HIS A 47 -7.29 -3.02 7.33
CA HIS A 47 -8.37 -2.93 8.30
C HIS A 47 -9.67 -3.45 7.71
N ASN A 48 -9.85 -3.27 6.41
CA ASN A 48 -11.06 -3.73 5.73
C ASN A 48 -10.83 -5.09 5.07
N ARG A 49 -9.89 -5.85 5.61
CA ARG A 49 -9.57 -7.17 5.09
C ARG A 49 -9.31 -7.10 3.58
N VAL A 50 -8.38 -6.24 3.18
CA VAL A 50 -8.03 -6.08 1.78
C VAL A 50 -7.16 -7.22 1.28
N THR A 51 -7.24 -7.52 0.00
CA THR A 51 -6.45 -8.59 -0.60
C THR A 51 -5.34 -8.03 -1.49
N LEU A 52 -4.21 -8.72 -1.50
CA LEU A 52 -3.07 -8.29 -2.32
C LEU A 52 -3.47 -8.13 -3.77
N ASP A 53 -4.26 -9.08 -4.28
CA ASP A 53 -4.71 -9.05 -5.66
C ASP A 53 -5.48 -7.76 -5.94
N GLN A 54 -6.02 -7.15 -4.89
CA GLN A 54 -6.78 -5.91 -5.02
C GLN A 54 -5.85 -4.70 -5.07
N ILE A 55 -5.16 -4.45 -3.96
CA ILE A 55 -4.24 -3.33 -3.87
C ILE A 55 -3.21 -3.38 -5.00
N ASP A 56 -2.68 -4.57 -5.26
CA ASP A 56 -1.68 -4.76 -6.31
C ASP A 56 -2.22 -4.29 -7.66
N THR A 57 -3.54 -4.37 -7.82
CA THR A 57 -4.18 -3.97 -9.06
C THR A 57 -4.50 -2.48 -9.05
N PHE A 58 -4.54 -1.88 -7.86
CA PHE A 58 -4.84 -0.47 -7.72
C PHE A 58 -3.56 0.37 -7.86
N LEU A 59 -2.49 -0.07 -7.21
CA LEU A 59 -1.22 0.64 -7.27
C LEU A 59 -0.54 0.42 -8.62
N LYS A 60 -0.45 -0.83 -9.04
CA LYS A 60 0.17 -1.18 -10.31
C LYS A 60 -0.40 -0.33 -11.45
N LEU A 61 -1.72 -0.26 -11.51
CA LEU A 61 -2.39 0.53 -12.54
C LEU A 61 -1.84 1.95 -12.60
N ALA A 62 -1.34 2.43 -11.47
CA ALA A 62 -0.77 3.76 -11.40
C ALA A 62 0.68 3.77 -11.86
N SER A 63 1.40 2.70 -11.55
CA SER A 63 2.80 2.59 -11.92
C SER A 63 2.95 1.82 -13.24
N ARG A 64 4.19 1.50 -13.60
CA ARG A 64 4.47 0.79 -14.83
C ARG A 64 3.74 -0.56 -14.85
N LYS A 65 3.93 -1.31 -15.92
CA LYS A 65 3.28 -2.61 -16.07
C LYS A 65 4.26 -3.74 -15.75
N THR A 66 5.13 -3.50 -14.76
CA THR A 66 6.12 -4.49 -14.36
C THR A 66 5.74 -5.12 -13.02
N GLN A 67 4.47 -5.52 -12.90
CA GLN A 67 3.98 -6.14 -11.68
C GLN A 67 4.17 -5.21 -10.48
N GLY A 68 4.25 -3.92 -10.74
CA GLY A 68 4.44 -2.96 -9.69
C GLY A 68 5.63 -3.28 -8.81
N ALA A 69 6.82 -2.89 -9.26
CA ALA A 69 8.04 -3.15 -8.51
C ALA A 69 8.09 -2.32 -7.24
N LYS A 70 8.01 -0.99 -7.39
CA LYS A 70 8.04 -0.08 -6.26
C LYS A 70 6.76 -0.19 -5.44
N TYR A 71 5.77 -0.89 -5.99
CA TYR A 71 4.49 -1.07 -5.31
C TYR A 71 4.65 -1.91 -4.05
N ASN A 72 5.57 -2.88 -4.10
CA ASN A 72 5.82 -3.75 -2.97
C ASN A 72 6.74 -3.07 -1.95
N GLN A 73 7.35 -1.97 -2.37
CA GLN A 73 8.26 -1.23 -1.50
C GLN A 73 7.50 -0.60 -0.33
N ILE A 74 6.59 0.31 -0.64
CA ILE A 74 5.80 0.99 0.37
C ILE A 74 4.72 0.06 0.94
N TYR A 75 4.38 -0.97 0.17
CA TYR A 75 3.37 -1.92 0.58
C TYR A 75 3.97 -3.01 1.47
N ASN A 76 5.28 -3.20 1.35
CA ASN A 76 5.98 -4.21 2.15
C ASN A 76 5.64 -4.06 3.63
N SER A 77 5.33 -2.84 4.04
CA SER A 77 4.99 -2.57 5.43
C SER A 77 3.90 -3.52 5.92
N TYR A 78 3.04 -3.93 5.00
CA TYR A 78 1.94 -4.85 5.34
C TYR A 78 2.39 -6.30 5.25
N MET A 79 2.81 -6.71 4.06
CA MET A 79 3.28 -8.07 3.85
C MET A 79 4.30 -8.47 4.90
N MET A 80 5.07 -7.51 5.38
CA MET A 80 6.08 -7.75 6.39
C MET A 80 5.45 -7.92 7.77
N HIS A 81 4.54 -7.01 8.10
CA HIS A 81 3.85 -7.07 9.39
C HIS A 81 3.23 -8.44 9.63
N LEU A 82 2.28 -8.81 8.78
CA LEU A 82 1.60 -10.09 8.89
C LEU A 82 2.56 -11.24 8.60
N GLY A 83 3.55 -10.98 7.75
CA GLY A 83 4.52 -12.00 7.41
C GLY A 83 3.91 -13.14 6.61
N LEU A 84 2.96 -12.81 5.75
CA LEU A 84 2.30 -13.82 4.93
C LEU A 84 2.67 -13.66 3.46
N THR A 85 3.87 -13.17 3.22
CA THR A 85 4.36 -12.96 1.86
C THR A 85 4.79 -14.28 1.22
N GLY A 86 5.22 -14.22 -0.04
CA GLY A 86 5.66 -15.42 -0.73
C GLY A 86 5.40 -15.33 -2.22
N TYR A 87 4.56 -14.38 -2.63
CA TYR A 87 4.22 -14.21 -4.03
C TYR A 87 5.49 -14.09 -4.89
N GLU A 88 6.27 -13.06 -4.62
CA GLU A 88 7.51 -12.83 -5.37
C GLU A 88 8.36 -11.76 -4.69
N PRO A 89 8.97 -12.13 -3.55
CA PRO A 89 9.82 -11.22 -2.78
C PRO A 89 11.13 -10.91 -3.49
N ASN A 90 11.84 -9.90 -3.02
CA ASN A 90 13.11 -9.51 -3.60
C ASN A 90 14.16 -9.26 -2.53
N SER A 91 15.43 -9.25 -2.93
CA SER A 91 16.53 -9.03 -1.99
C SER A 91 16.63 -7.54 -1.64
N SER A 92 15.80 -7.11 -0.70
CA SER A 92 15.80 -5.71 -0.26
C SER A 92 17.11 -5.37 0.46
N SER A 93 17.61 -4.16 0.20
CA SER A 93 18.85 -3.71 0.82
C SER A 93 18.69 -2.32 1.42
N VAL A 94 17.51 -2.05 1.99
CA VAL A 94 17.23 -0.75 2.59
C VAL A 94 16.69 -0.92 4.01
N ASP A 95 17.18 -0.08 4.92
CA ASP A 95 16.76 -0.13 6.31
C ASP A 95 16.25 1.24 6.77
N LYS A 96 15.59 1.95 5.86
CA LYS A 96 15.06 3.27 6.17
C LYS A 96 13.73 3.17 6.93
N LEU A 97 12.91 2.20 6.54
CA LEU A 97 11.62 1.99 7.18
C LEU A 97 11.80 1.71 8.67
N ALA A 98 12.96 1.19 9.04
CA ALA A 98 13.25 0.90 10.44
C ALA A 98 13.33 2.17 11.27
N ALA A 99 13.89 3.22 10.68
CA ALA A 99 14.03 4.50 11.37
C ALA A 99 12.92 5.46 10.97
N ALA A 100 11.68 4.99 11.03
CA ALA A 100 10.53 5.81 10.68
C ALA A 100 9.78 6.27 11.93
N LEU A 101 9.09 7.40 11.81
CA LEU A 101 8.33 7.95 12.92
C LEU A 101 6.84 7.98 12.61
N GLU A 102 6.04 7.40 13.51
CA GLU A 102 4.60 7.36 13.32
C GLU A 102 3.89 8.16 14.42
N PRO A 1 -0.93 1.63 17.32
CA PRO A 1 -1.43 3.00 17.45
C PRO A 1 -2.32 3.19 18.67
N ASN A 2 -3.27 2.27 18.86
CA ASN A 2 -4.19 2.33 19.99
C ASN A 2 -4.98 3.63 19.97
N PHE A 3 -5.44 4.03 18.78
CA PHE A 3 -6.21 5.26 18.63
C PHE A 3 -7.70 4.96 18.69
N ASN A 4 -8.51 6.01 18.57
CA ASN A 4 -9.96 5.87 18.61
C ASN A 4 -10.61 6.47 17.37
N LEU A 5 -11.65 5.81 16.86
CA LEU A 5 -12.34 6.28 15.67
C LEU A 5 -13.74 6.79 16.03
N ALA A 6 -14.43 6.04 16.88
CA ALA A 6 -15.78 6.41 17.30
C ALA A 6 -16.70 6.60 16.10
N SER A 7 -16.37 5.94 15.00
CA SER A 7 -17.16 6.03 13.78
C SER A 7 -16.57 5.16 12.67
N LEU A 8 -17.19 5.22 11.49
CA LEU A 8 -16.72 4.44 10.36
C LEU A 8 -16.24 5.35 9.23
N ASN A 9 -15.37 4.83 8.38
CA ASN A 9 -14.83 5.59 7.26
C ASN A 9 -14.42 4.67 6.12
N GLU A 10 -15.20 4.68 5.04
CA GLU A 10 -14.92 3.85 3.88
C GLU A 10 -14.67 4.70 2.64
N GLU A 11 -14.56 6.01 2.85
CA GLU A 11 -14.32 6.94 1.75
C GLU A 11 -12.91 7.52 1.81
N MET A 12 -12.00 6.77 2.45
CA MET A 12 -10.61 7.21 2.59
C MET A 12 -9.74 6.56 1.52
N PHE A 13 -10.02 5.29 1.22
CA PHE A 13 -9.25 4.56 0.21
C PHE A 13 -10.17 3.72 -0.66
N ASN A 14 -10.81 2.73 -0.06
CA ASN A 14 -11.73 1.86 -0.79
C ASN A 14 -11.16 1.50 -2.16
N VAL A 15 -10.06 0.77 -2.18
CA VAL A 15 -9.41 0.36 -3.42
C VAL A 15 -10.31 -0.58 -4.22
N ALA A 16 -11.15 -1.32 -3.51
CA ALA A 16 -12.06 -2.27 -4.16
C ALA A 16 -13.33 -1.57 -4.62
N ALA A 17 -13.49 -0.30 -4.24
CA ALA A 17 -14.65 0.48 -4.63
C ALA A 17 -14.26 1.64 -5.53
N LEU A 18 -12.96 1.91 -5.61
CA LEU A 18 -12.46 3.00 -6.45
C LEU A 18 -11.85 2.47 -7.73
N THR A 19 -12.15 3.13 -8.84
CA THR A 19 -11.64 2.72 -10.14
C THR A 19 -11.32 3.93 -11.02
N LYS A 20 -10.06 4.02 -11.43
CA LYS A 20 -9.61 5.13 -12.27
C LYS A 20 -8.12 5.03 -12.56
N ARG A 21 -7.68 5.72 -13.60
CA ARG A 21 -6.27 5.71 -13.98
C ARG A 21 -5.45 6.60 -13.05
N ALA A 22 -5.69 7.91 -13.11
CA ALA A 22 -4.97 8.86 -12.27
C ALA A 22 -5.58 8.93 -10.89
N ASP A 23 -6.91 9.04 -10.83
CA ASP A 23 -7.61 9.11 -9.55
C ASP A 23 -7.13 8.01 -8.60
N ALA A 24 -6.76 6.87 -9.16
CA ALA A 24 -6.29 5.74 -8.37
C ALA A 24 -4.84 5.97 -7.92
N LYS A 25 -4.02 6.51 -8.81
CA LYS A 25 -2.62 6.77 -8.51
C LYS A 25 -2.49 7.81 -7.41
N LYS A 26 -3.38 8.81 -7.44
CA LYS A 26 -3.36 9.87 -6.44
C LYS A 26 -3.62 9.31 -5.05
N LEU A 27 -4.75 8.64 -4.88
CA LEU A 27 -5.12 8.05 -3.59
C LEU A 27 -3.99 7.19 -3.05
N ALA A 28 -3.22 6.59 -3.95
CA ALA A 28 -2.11 5.74 -3.58
C ALA A 28 -0.89 6.56 -3.19
N LYS A 29 -0.68 7.66 -3.90
CA LYS A 29 0.45 8.55 -3.64
C LYS A 29 0.51 8.93 -2.16
N GLN A 30 -0.55 9.56 -1.68
CA GLN A 30 -0.63 9.99 -0.28
C GLN A 30 -0.37 8.81 0.65
N LEU A 31 -0.80 7.62 0.23
CA LEU A 31 -0.63 6.42 1.03
C LEU A 31 0.83 5.95 1.00
N MET A 32 1.52 6.26 -0.09
CA MET A 32 2.92 5.87 -0.24
C MET A 32 3.85 7.03 0.14
N GLY A 33 3.26 8.11 0.63
CA GLY A 33 4.05 9.26 1.03
C GLY A 33 3.96 9.54 2.52
N ASN A 34 2.89 9.05 3.14
CA ASN A 34 2.68 9.25 4.58
C ASN A 34 2.49 7.92 5.29
N ASP A 35 3.40 7.62 6.21
CA ASP A 35 3.34 6.38 6.98
C ASP A 35 2.28 6.47 8.08
N LYS A 36 1.98 7.70 8.49
CA LYS A 36 0.99 7.92 9.54
C LYS A 36 -0.42 7.51 9.07
N LEU A 37 -0.71 7.81 7.81
CA LEU A 37 -2.02 7.48 7.23
C LEU A 37 -2.03 6.05 6.71
N ALA A 38 -0.98 5.69 5.97
CA ALA A 38 -0.87 4.34 5.40
C ALA A 38 -1.06 3.28 6.49
N ASP A 39 -0.62 3.60 7.70
CA ASP A 39 -0.74 2.67 8.83
C ASP A 39 -2.20 2.25 9.03
N ALA A 40 -3.11 3.21 8.90
CA ALA A 40 -4.53 2.93 9.07
C ALA A 40 -5.16 2.45 7.77
N ALA A 41 -4.48 2.70 6.65
CA ALA A 41 -4.96 2.29 5.35
C ALA A 41 -4.68 0.81 5.10
N TYR A 42 -3.40 0.44 5.16
CA TYR A 42 -3.00 -0.94 4.93
C TYR A 42 -3.81 -1.90 5.80
N ILE A 43 -4.25 -1.40 6.96
CA ILE A 43 -5.03 -2.21 7.88
C ILE A 43 -6.52 -2.15 7.54
N TRP A 44 -6.95 -1.01 7.02
CA TRP A 44 -8.36 -0.82 6.65
C TRP A 44 -8.76 -1.80 5.55
N TRP A 45 -7.98 -1.86 4.48
CA TRP A 45 -8.25 -2.76 3.38
C TRP A 45 -8.52 -4.18 3.87
N GLN A 46 -7.61 -4.69 4.69
CA GLN A 46 -7.75 -6.03 5.24
C GLN A 46 -9.07 -6.19 5.98
N HIS A 47 -9.54 -5.09 6.56
CA HIS A 47 -10.80 -5.10 7.30
C HIS A 47 -11.96 -5.53 6.41
N ASN A 48 -11.80 -5.31 5.11
CA ASN A 48 -12.84 -5.67 4.14
C ASN A 48 -12.42 -6.88 3.32
N ARG A 49 -11.55 -7.71 3.89
CA ARG A 49 -11.06 -8.90 3.22
C ARG A 49 -10.53 -8.57 1.82
N VAL A 50 -9.64 -7.58 1.76
CA VAL A 50 -9.06 -7.16 0.49
C VAL A 50 -8.11 -8.22 -0.05
N THR A 51 -8.04 -8.32 -1.38
CA THR A 51 -7.17 -9.29 -2.03
C THR A 51 -5.93 -8.62 -2.61
N LEU A 52 -4.80 -9.30 -2.55
CA LEU A 52 -3.55 -8.77 -3.07
C LEU A 52 -3.71 -8.32 -4.53
N ASP A 53 -4.37 -9.16 -5.32
CA ASP A 53 -4.61 -8.87 -6.72
C ASP A 53 -5.31 -7.53 -6.88
N GLN A 54 -6.04 -7.11 -5.85
CA GLN A 54 -6.76 -5.86 -5.88
C GLN A 54 -5.85 -4.69 -5.51
N ILE A 55 -5.40 -4.67 -4.26
CA ILE A 55 -4.52 -3.62 -3.79
C ILE A 55 -3.31 -3.44 -4.70
N ASP A 56 -2.77 -4.57 -5.16
CA ASP A 56 -1.61 -4.55 -6.05
C ASP A 56 -1.89 -3.71 -7.28
N THR A 57 -2.96 -4.07 -8.00
CA THR A 57 -3.34 -3.35 -9.22
C THR A 57 -3.58 -1.87 -8.93
N PHE A 58 -3.81 -1.55 -7.66
CA PHE A 58 -4.07 -0.17 -7.25
C PHE A 58 -2.75 0.55 -6.98
N LEU A 59 -2.02 0.07 -5.98
CA LEU A 59 -0.74 0.68 -5.61
C LEU A 59 0.24 0.65 -6.78
N LYS A 60 0.35 -0.51 -7.42
CA LYS A 60 1.24 -0.67 -8.56
C LYS A 60 1.01 0.43 -9.60
N LEU A 61 -0.25 0.62 -9.99
CA LEU A 61 -0.60 1.65 -10.96
C LEU A 61 -0.08 3.01 -10.54
N ALA A 62 0.11 3.19 -9.23
CA ALA A 62 0.61 4.45 -8.70
C ALA A 62 2.12 4.55 -8.86
N SER A 63 2.83 3.52 -8.42
CA SER A 63 4.28 3.49 -8.52
C SER A 63 4.73 3.33 -9.96
N ARG A 64 6.03 3.49 -10.19
CA ARG A 64 6.59 3.37 -11.53
C ARG A 64 7.66 2.28 -11.57
N LYS A 65 7.28 1.07 -11.20
CA LYS A 65 8.20 -0.05 -11.19
C LYS A 65 7.48 -1.36 -11.54
N THR A 66 8.25 -2.41 -11.76
CA THR A 66 7.68 -3.71 -12.10
C THR A 66 7.15 -4.42 -10.85
N GLN A 67 5.87 -4.78 -10.89
CA GLN A 67 5.24 -5.46 -9.76
C GLN A 67 5.24 -4.57 -8.52
N GLY A 68 5.41 -3.27 -8.72
CA GLY A 68 5.43 -2.34 -7.61
C GLY A 68 6.45 -2.73 -6.55
N ALA A 69 7.67 -2.22 -6.69
CA ALA A 69 8.73 -2.51 -5.74
C ALA A 69 8.41 -1.93 -4.36
N LYS A 70 8.23 -0.62 -4.31
CA LYS A 70 7.91 0.06 -3.05
C LYS A 70 6.49 -0.25 -2.61
N TYR A 71 5.72 -0.89 -3.48
CA TYR A 71 4.34 -1.24 -3.18
C TYR A 71 4.28 -2.33 -2.11
N ASN A 72 5.25 -3.25 -2.14
CA ASN A 72 5.30 -4.33 -1.18
C ASN A 72 5.97 -3.87 0.12
N GLN A 73 6.63 -2.71 0.07
CA GLN A 73 7.30 -2.16 1.24
C GLN A 73 6.29 -1.74 2.29
N ILE A 74 5.45 -0.76 1.96
CA ILE A 74 4.44 -0.27 2.89
C ILE A 74 3.32 -1.29 3.06
N TYR A 75 3.18 -2.18 2.09
CA TYR A 75 2.13 -3.19 2.12
C TYR A 75 2.59 -4.41 2.93
N ASN A 76 3.91 -4.57 3.03
CA ASN A 76 4.48 -5.70 3.77
C ASN A 76 3.85 -5.81 5.16
N SER A 77 3.44 -4.68 5.72
CA SER A 77 2.83 -4.66 7.04
C SER A 77 1.64 -5.61 7.10
N TYR A 78 0.99 -5.81 5.96
CA TYR A 78 -0.16 -6.70 5.88
C TYR A 78 0.27 -8.15 5.66
N MET A 79 0.93 -8.39 4.54
CA MET A 79 1.40 -9.72 4.19
C MET A 79 2.20 -10.33 5.35
N MET A 80 2.86 -9.47 6.12
CA MET A 80 3.65 -9.92 7.25
C MET A 80 2.75 -10.31 8.43
N HIS A 81 1.76 -9.47 8.71
CA HIS A 81 0.84 -9.73 9.80
C HIS A 81 0.23 -11.12 9.68
N LEU A 82 -0.43 -11.38 8.56
CA LEU A 82 -1.06 -12.67 8.32
C LEU A 82 -0.01 -13.74 8.03
N GLY A 83 1.09 -13.33 7.41
CA GLY A 83 2.15 -14.26 7.08
C GLY A 83 1.82 -15.12 5.87
N LEU A 84 1.04 -14.57 4.95
CA LEU A 84 0.65 -15.28 3.74
C LEU A 84 1.49 -14.84 2.55
N THR A 85 2.70 -14.37 2.83
CA THR A 85 3.60 -13.92 1.78
C THR A 85 3.96 -15.07 0.83
N GLY A 86 4.56 -14.71 -0.30
CA GLY A 86 4.93 -15.72 -1.28
C GLY A 86 4.53 -15.34 -2.69
N TYR A 87 4.73 -14.07 -3.04
CA TYR A 87 4.38 -13.57 -4.37
C TYR A 87 5.63 -13.22 -5.16
N GLU A 88 6.74 -13.89 -4.85
CA GLU A 88 8.00 -13.65 -5.54
C GLU A 88 8.34 -12.15 -5.53
N PRO A 89 8.66 -11.62 -4.35
CA PRO A 89 9.02 -10.20 -4.19
C PRO A 89 10.35 -9.86 -4.83
N ASN A 90 10.49 -8.61 -5.28
CA ASN A 90 11.72 -8.17 -5.92
C ASN A 90 12.80 -7.88 -4.87
N SER A 91 14.02 -8.29 -5.17
CA SER A 91 15.15 -8.08 -4.25
C SER A 91 15.97 -6.88 -4.66
N SER A 92 15.97 -6.58 -5.96
CA SER A 92 16.72 -5.45 -6.48
C SER A 92 16.25 -4.14 -5.84
N SER A 93 17.17 -3.44 -5.19
CA SER A 93 16.86 -2.18 -4.53
C SER A 93 18.08 -1.27 -4.47
N VAL A 94 17.88 -0.06 -3.98
CA VAL A 94 18.97 0.92 -3.88
C VAL A 94 18.95 1.62 -2.53
N ASP A 95 20.12 1.97 -2.03
CA ASP A 95 20.25 2.65 -0.75
C ASP A 95 20.81 4.05 -0.93
N LYS A 96 21.60 4.24 -1.97
CA LYS A 96 22.22 5.53 -2.27
C LYS A 96 21.15 6.62 -2.37
N LEU A 97 20.01 6.28 -2.94
CA LEU A 97 18.91 7.22 -3.09
C LEU A 97 18.14 7.38 -1.79
N ALA A 98 17.70 6.26 -1.23
CA ALA A 98 16.96 6.26 0.03
C ALA A 98 17.70 7.06 1.10
N ALA A 99 19.00 6.83 1.20
CA ALA A 99 19.82 7.53 2.19
C ALA A 99 20.21 8.92 1.70
N ALA A 100 20.22 9.09 0.37
CA ALA A 100 20.58 10.37 -0.22
C ALA A 100 22.04 10.71 0.03
N LEU A 101 22.80 9.73 0.51
CA LEU A 101 24.21 9.92 0.80
C LEU A 101 25.02 9.99 -0.50
N GLU A 102 25.56 11.18 -0.79
CA GLU A 102 26.36 11.38 -1.99
C GLU A 102 27.52 10.40 -2.04
N PRO A 1 -7.05 10.73 18.53
CA PRO A 1 -7.08 10.66 19.99
C PRO A 1 -7.76 9.39 20.51
N ASN A 2 -7.96 9.32 21.82
CA ASN A 2 -8.60 8.15 22.43
C ASN A 2 -9.90 8.55 23.12
N PHE A 3 -10.67 9.41 22.47
CA PHE A 3 -11.93 9.87 23.02
C PHE A 3 -13.11 9.42 22.16
N ASN A 4 -12.92 8.28 21.48
CA ASN A 4 -13.95 7.74 20.61
C ASN A 4 -14.02 6.22 20.73
N LEU A 5 -15.22 5.70 20.97
CA LEU A 5 -15.42 4.26 21.11
C LEU A 5 -15.88 3.64 19.80
N ALA A 6 -16.96 4.19 19.23
CA ALA A 6 -17.50 3.70 17.98
C ALA A 6 -17.14 4.63 16.82
N SER A 7 -16.51 4.08 15.80
CA SER A 7 -16.11 4.86 14.63
C SER A 7 -15.63 3.96 13.50
N LEU A 8 -16.11 4.23 12.28
CA LEU A 8 -15.73 3.44 11.12
C LEU A 8 -15.42 4.34 9.94
N ASN A 9 -14.31 4.06 9.26
CA ASN A 9 -13.89 4.84 8.11
C ASN A 9 -13.67 3.95 6.89
N GLU A 10 -14.71 3.83 6.06
CA GLU A 10 -14.63 3.00 4.86
C GLU A 10 -14.73 3.86 3.60
N GLU A 11 -14.56 5.17 3.77
CA GLU A 11 -14.63 6.10 2.65
C GLU A 11 -13.28 6.78 2.42
N MET A 12 -12.21 6.08 2.76
CA MET A 12 -10.86 6.62 2.59
C MET A 12 -10.20 6.04 1.35
N PHE A 13 -10.37 4.74 1.14
CA PHE A 13 -9.79 4.07 -0.01
C PHE A 13 -10.78 3.10 -0.64
N ASN A 14 -11.01 1.98 0.03
CA ASN A 14 -11.94 0.97 -0.47
C ASN A 14 -11.68 0.65 -1.93
N VAL A 15 -10.52 0.05 -2.21
CA VAL A 15 -10.14 -0.29 -3.57
C VAL A 15 -11.16 -1.25 -4.19
N ALA A 16 -11.94 -1.90 -3.33
CA ALA A 16 -12.96 -2.84 -3.80
C ALA A 16 -14.26 -2.12 -4.13
N ALA A 17 -14.33 -0.84 -3.80
CA ALA A 17 -15.52 -0.04 -4.07
C ALA A 17 -15.20 1.12 -5.00
N LEU A 18 -13.93 1.52 -5.03
CA LEU A 18 -13.50 2.63 -5.87
C LEU A 18 -13.03 2.12 -7.24
N THR A 19 -13.49 2.80 -8.29
CA THR A 19 -13.13 2.43 -9.65
C THR A 19 -12.93 3.65 -10.52
N LYS A 20 -11.74 3.78 -11.11
CA LYS A 20 -11.43 4.90 -11.97
C LYS A 20 -10.00 4.81 -12.50
N ARG A 21 -9.76 5.38 -13.67
CA ARG A 21 -8.44 5.37 -14.27
C ARG A 21 -7.51 6.36 -13.59
N ALA A 22 -7.79 7.65 -13.76
CA ALA A 22 -6.99 8.70 -13.15
C ALA A 22 -7.35 8.90 -11.69
N ASP A 23 -8.65 9.00 -11.42
CA ASP A 23 -9.13 9.20 -10.06
C ASP A 23 -8.45 8.24 -9.09
N ALA A 24 -8.42 6.97 -9.46
CA ALA A 24 -7.80 5.93 -8.63
C ALA A 24 -6.30 6.20 -8.48
N LYS A 25 -5.66 6.57 -9.58
CA LYS A 25 -4.22 6.84 -9.56
C LYS A 25 -3.88 7.91 -8.51
N LYS A 26 -4.84 8.77 -8.23
CA LYS A 26 -4.65 9.83 -7.25
C LYS A 26 -4.75 9.29 -5.83
N LEU A 27 -5.81 8.53 -5.57
CA LEU A 27 -6.04 7.96 -4.25
C LEU A 27 -4.79 7.19 -3.78
N ALA A 28 -4.13 6.53 -4.71
CA ALA A 28 -2.92 5.77 -4.39
C ALA A 28 -1.71 6.69 -4.26
N LYS A 29 -1.75 7.81 -4.97
CA LYS A 29 -0.64 8.78 -4.93
C LYS A 29 -0.31 9.15 -3.50
N GLN A 30 -1.28 9.72 -2.79
CA GLN A 30 -1.07 10.12 -1.40
C GLN A 30 -0.73 8.92 -0.53
N LEU A 31 -1.22 7.75 -0.93
CA LEU A 31 -0.97 6.52 -0.18
C LEU A 31 0.45 6.02 -0.41
N MET A 32 1.07 6.48 -1.49
CA MET A 32 2.42 6.08 -1.82
C MET A 32 3.43 7.12 -1.31
N GLY A 33 2.96 8.35 -1.11
CA GLY A 33 3.84 9.40 -0.62
C GLY A 33 3.72 9.60 0.88
N ASN A 34 2.48 9.67 1.37
CA ASN A 34 2.24 9.87 2.78
C ASN A 34 2.38 8.56 3.56
N ASP A 35 3.44 8.46 4.36
CA ASP A 35 3.70 7.26 5.14
C ASP A 35 2.72 7.15 6.31
N LYS A 36 2.60 8.23 7.07
CA LYS A 36 1.70 8.26 8.22
C LYS A 36 0.29 7.86 7.81
N LEU A 37 -0.06 8.13 6.55
CA LEU A 37 -1.38 7.79 6.04
C LEU A 37 -1.41 6.36 5.52
N ALA A 38 -0.43 6.00 4.71
CA ALA A 38 -0.35 4.65 4.15
C ALA A 38 -0.29 3.62 5.26
N ASP A 39 0.20 4.01 6.42
CA ASP A 39 0.29 3.11 7.57
C ASP A 39 -1.07 2.58 7.97
N ALA A 40 -2.07 3.47 7.94
CA ALA A 40 -3.44 3.09 8.29
C ALA A 40 -4.18 2.53 7.10
N ALA A 41 -3.68 2.83 5.90
CA ALA A 41 -4.31 2.35 4.67
C ALA A 41 -3.92 0.91 4.39
N TYR A 42 -2.62 0.65 4.31
CA TYR A 42 -2.12 -0.69 4.03
C TYR A 42 -2.73 -1.71 4.99
N ILE A 43 -3.07 -1.26 6.20
CA ILE A 43 -3.67 -2.12 7.20
C ILE A 43 -5.18 -2.18 7.05
N TRP A 44 -5.76 -1.09 6.54
CA TRP A 44 -7.20 -1.00 6.35
C TRP A 44 -7.68 -2.10 5.41
N TRP A 45 -7.16 -2.09 4.18
CA TRP A 45 -7.53 -3.09 3.19
C TRP A 45 -7.53 -4.49 3.79
N GLN A 46 -6.40 -4.89 4.36
CA GLN A 46 -6.28 -6.21 4.97
C GLN A 46 -7.42 -6.47 5.93
N HIS A 47 -7.81 -5.45 6.70
CA HIS A 47 -8.90 -5.57 7.66
C HIS A 47 -10.16 -6.08 6.98
N ASN A 48 -10.35 -5.70 5.72
CA ASN A 48 -11.52 -6.12 4.96
C ASN A 48 -11.22 -7.35 4.11
N ARG A 49 -10.23 -8.13 4.56
CA ARG A 49 -9.85 -9.34 3.85
C ARG A 49 -9.58 -9.05 2.37
N VAL A 50 -8.75 -8.06 2.11
CA VAL A 50 -8.42 -7.67 0.74
C VAL A 50 -7.49 -8.70 0.10
N THR A 51 -7.58 -8.81 -1.22
CA THR A 51 -6.75 -9.76 -1.97
C THR A 51 -5.64 -9.03 -2.72
N LEU A 52 -4.48 -9.66 -2.80
CA LEU A 52 -3.34 -9.08 -3.50
C LEU A 52 -3.71 -8.71 -4.93
N ASP A 53 -4.51 -9.56 -5.57
CA ASP A 53 -4.93 -9.32 -6.94
C ASP A 53 -5.73 -8.02 -7.04
N GLN A 54 -6.28 -7.59 -5.91
CA GLN A 54 -7.07 -6.36 -5.87
C GLN A 54 -6.17 -5.13 -5.74
N ILE A 55 -5.49 -5.02 -4.60
CA ILE A 55 -4.59 -3.90 -4.36
C ILE A 55 -3.56 -3.76 -5.48
N ASP A 56 -2.98 -4.90 -5.88
CA ASP A 56 -1.99 -4.90 -6.94
C ASP A 56 -2.54 -4.27 -8.22
N THR A 57 -3.87 -4.29 -8.35
CA THR A 57 -4.52 -3.72 -9.52
C THR A 57 -4.78 -2.23 -9.34
N PHE A 58 -4.92 -1.81 -8.09
CA PHE A 58 -5.16 -0.40 -7.79
C PHE A 58 -3.86 0.38 -7.71
N LEU A 59 -3.03 0.04 -6.73
CA LEU A 59 -1.74 0.70 -6.54
C LEU A 59 -0.97 0.77 -7.85
N LYS A 60 -0.83 -0.38 -8.50
CA LYS A 60 -0.10 -0.44 -9.78
C LYS A 60 -0.64 0.59 -10.76
N LEU A 61 -1.96 0.66 -10.88
CA LEU A 61 -2.59 1.61 -11.79
C LEU A 61 -2.12 3.04 -11.50
N ALA A 62 -1.71 3.28 -10.27
CA ALA A 62 -1.23 4.59 -9.86
C ALA A 62 0.19 4.84 -10.36
N SER A 63 1.00 3.78 -10.37
CA SER A 63 2.38 3.90 -10.83
C SER A 63 2.51 3.45 -12.28
N ARG A 64 3.75 3.33 -12.75
CA ARG A 64 4.01 2.92 -14.12
C ARG A 64 3.45 1.52 -14.39
N LYS A 65 3.68 1.02 -15.60
CA LYS A 65 3.20 -0.30 -15.98
C LYS A 65 4.30 -1.35 -15.81
N THR A 66 5.26 -1.06 -14.93
CA THR A 66 6.36 -1.98 -14.67
C THR A 66 6.04 -2.92 -13.52
N GLN A 67 4.84 -3.50 -13.55
CA GLN A 67 4.40 -4.43 -12.52
C GLN A 67 4.40 -3.74 -11.15
N GLY A 68 4.33 -2.41 -11.16
CA GLY A 68 4.32 -1.66 -9.92
C GLY A 68 5.48 -2.03 -9.01
N ALA A 69 6.63 -1.40 -9.25
CA ALA A 69 7.81 -1.67 -8.44
C ALA A 69 7.66 -1.11 -7.03
N LYS A 70 7.43 0.20 -6.94
CA LYS A 70 7.26 0.86 -5.65
C LYS A 70 5.97 0.41 -4.97
N TYR A 71 5.11 -0.26 -5.73
CA TYR A 71 3.84 -0.76 -5.20
C TYR A 71 4.07 -1.76 -4.08
N ASN A 72 5.13 -2.55 -4.21
CA ASN A 72 5.45 -3.56 -3.22
C ASN A 72 6.22 -2.94 -2.04
N GLN A 73 6.69 -1.71 -2.24
CA GLN A 73 7.43 -1.00 -1.21
C GLN A 73 6.53 -0.65 -0.04
N ILE A 74 5.53 0.19 -0.28
CA ILE A 74 4.60 0.60 0.76
C ILE A 74 3.64 -0.54 1.12
N TYR A 75 3.49 -1.48 0.21
CA TYR A 75 2.60 -2.62 0.43
C TYR A 75 3.33 -3.73 1.20
N ASN A 76 4.66 -3.72 1.13
CA ASN A 76 5.46 -4.72 1.81
C ASN A 76 5.05 -4.85 3.27
N SER A 77 4.57 -3.76 3.84
CA SER A 77 4.13 -3.75 5.24
C SER A 77 3.13 -4.87 5.50
N TYR A 78 2.33 -5.19 4.48
CA TYR A 78 1.32 -6.23 4.60
C TYR A 78 1.92 -7.60 4.29
N MET A 79 2.43 -7.76 3.08
CA MET A 79 3.03 -9.02 2.66
C MET A 79 4.04 -9.52 3.69
N MET A 80 4.70 -8.57 4.35
CA MET A 80 5.69 -8.90 5.37
C MET A 80 5.03 -9.37 6.65
N HIS A 81 3.99 -8.65 7.07
CA HIS A 81 3.26 -8.99 8.29
C HIS A 81 2.69 -10.40 8.22
N LEU A 82 1.81 -10.62 7.24
CA LEU A 82 1.20 -11.93 7.05
C LEU A 82 2.22 -12.96 6.58
N GLY A 83 3.23 -12.49 5.85
CA GLY A 83 4.27 -13.38 5.36
C GLY A 83 3.76 -14.35 4.30
N LEU A 84 2.67 -13.96 3.63
CA LEU A 84 2.08 -14.80 2.59
C LEU A 84 2.70 -14.50 1.23
N THR A 85 3.76 -13.71 1.23
CA THR A 85 4.45 -13.35 0.01
C THR A 85 4.95 -14.59 -0.74
N GLY A 86 5.41 -14.40 -1.96
CA GLY A 86 5.92 -15.51 -2.75
C GLY A 86 5.23 -15.62 -4.10
N TYR A 87 4.86 -14.48 -4.67
CA TYR A 87 4.18 -14.45 -5.96
C TYR A 87 5.18 -14.18 -7.08
N GLU A 88 5.95 -13.11 -6.96
CA GLU A 88 6.94 -12.74 -7.96
C GLU A 88 8.35 -12.77 -7.37
N PRO A 89 9.35 -12.92 -8.24
CA PRO A 89 10.76 -12.96 -7.84
C PRO A 89 11.25 -11.61 -7.34
N ASN A 90 12.02 -11.63 -6.25
CA ASN A 90 12.56 -10.40 -5.67
C ASN A 90 14.04 -10.25 -6.00
N SER A 91 14.63 -9.15 -5.57
CA SER A 91 16.05 -8.89 -5.80
C SER A 91 16.69 -8.22 -4.59
N SER A 92 17.77 -8.81 -4.11
CA SER A 92 18.49 -8.28 -2.95
C SER A 92 19.46 -7.19 -3.37
N SER A 93 19.94 -6.41 -2.40
CA SER A 93 20.88 -5.34 -2.67
C SER A 93 21.43 -4.76 -1.37
N VAL A 94 22.30 -3.76 -1.50
CA VAL A 94 22.91 -3.13 -0.34
C VAL A 94 22.90 -1.61 -0.47
N ASP A 95 22.74 -0.92 0.65
CA ASP A 95 22.72 0.54 0.66
C ASP A 95 23.63 1.10 1.74
N LYS A 96 24.69 0.35 2.05
CA LYS A 96 25.64 0.77 3.07
C LYS A 96 26.32 2.08 2.69
N LEU A 97 26.48 2.29 1.39
CA LEU A 97 27.12 3.50 0.88
C LEU A 97 26.12 4.66 0.85
N ALA A 98 24.84 4.33 0.68
CA ALA A 98 23.80 5.33 0.63
C ALA A 98 23.78 6.18 1.90
N ALA A 99 24.10 5.55 3.02
CA ALA A 99 24.13 6.24 4.31
C ALA A 99 25.52 6.79 4.61
N ALA A 100 25.57 7.97 5.22
CA ALA A 100 26.84 8.60 5.56
C ALA A 100 26.62 9.84 6.43
N LEU A 101 27.67 10.24 7.15
CA LEU A 101 27.60 11.40 8.02
C LEU A 101 28.87 12.24 7.93
N GLU A 102 28.79 13.47 8.41
CA GLU A 102 29.93 14.37 8.38
C GLU A 102 31.10 13.80 9.18
N PRO A 1 -11.34 -2.26 21.78
CA PRO A 1 -12.72 -2.30 21.28
C PRO A 1 -12.94 -1.32 20.13
N ASN A 2 -12.46 -0.09 20.29
CA ASN A 2 -12.61 0.93 19.27
C ASN A 2 -14.09 1.25 19.04
N PHE A 3 -14.79 1.59 20.11
CA PHE A 3 -16.21 1.92 20.02
C PHE A 3 -16.42 3.42 20.23
N ASN A 4 -17.64 3.87 19.96
CA ASN A 4 -17.98 5.28 20.12
C ASN A 4 -17.10 6.16 19.24
N LEU A 5 -16.69 5.62 18.10
CA LEU A 5 -15.83 6.35 17.17
C LEU A 5 -16.44 7.71 16.82
N ALA A 6 -17.77 7.77 16.81
CA ALA A 6 -18.48 9.00 16.49
C ALA A 6 -18.19 9.45 15.07
N SER A 7 -17.84 8.50 14.21
CA SER A 7 -17.54 8.80 12.81
C SER A 7 -17.23 7.51 12.05
N LEU A 8 -17.08 7.65 10.73
CA LEU A 8 -16.78 6.49 9.88
C LEU A 8 -15.77 6.87 8.80
N ASN A 9 -14.86 5.95 8.50
CA ASN A 9 -13.84 6.18 7.49
C ASN A 9 -13.82 5.07 6.46
N GLU A 10 -15.00 4.73 5.95
CA GLU A 10 -15.13 3.66 4.95
C GLU A 10 -15.10 4.24 3.54
N GLU A 11 -15.10 5.56 3.45
CA GLU A 11 -15.08 6.24 2.16
C GLU A 11 -13.72 6.88 1.90
N MET A 12 -12.69 6.38 2.59
CA MET A 12 -11.34 6.89 2.44
C MET A 12 -10.64 6.23 1.26
N PHE A 13 -10.85 4.92 1.11
CA PHE A 13 -10.23 4.16 0.04
C PHE A 13 -11.18 3.09 -0.50
N ASN A 14 -11.37 2.03 0.28
CA ASN A 14 -12.25 0.94 -0.11
C ASN A 14 -11.97 0.51 -1.55
N VAL A 15 -10.78 -0.05 -1.77
CA VAL A 15 -10.39 -0.52 -3.10
C VAL A 15 -11.36 -1.58 -3.62
N ALA A 16 -12.11 -2.19 -2.70
CA ALA A 16 -13.07 -3.23 -3.06
C ALA A 16 -14.40 -2.61 -3.47
N ALA A 17 -14.54 -1.30 -3.26
CA ALA A 17 -15.76 -0.59 -3.59
C ALA A 17 -15.51 0.49 -4.64
N LEU A 18 -14.25 0.93 -4.72
CA LEU A 18 -13.87 1.96 -5.68
C LEU A 18 -13.36 1.35 -6.97
N THR A 19 -13.78 1.91 -8.10
CA THR A 19 -13.37 1.42 -9.41
C THR A 19 -13.14 2.57 -10.38
N LYS A 20 -11.92 2.67 -10.90
CA LYS A 20 -11.58 3.72 -11.85
C LYS A 20 -10.08 3.69 -12.18
N ARG A 21 -9.77 3.91 -13.45
CA ARG A 21 -8.38 3.92 -13.89
C ARG A 21 -7.66 5.19 -13.45
N ALA A 22 -8.33 6.33 -13.61
CA ALA A 22 -7.75 7.61 -13.23
C ALA A 22 -7.92 7.86 -11.73
N ASP A 23 -9.15 7.74 -11.25
CA ASP A 23 -9.43 7.95 -9.83
C ASP A 23 -8.46 7.15 -8.96
N ALA A 24 -8.40 5.84 -9.19
CA ALA A 24 -7.51 4.98 -8.43
C ALA A 24 -6.08 5.51 -8.45
N LYS A 25 -5.72 6.20 -9.52
CA LYS A 25 -4.38 6.76 -9.65
C LYS A 25 -4.17 7.91 -8.67
N LYS A 26 -5.19 8.74 -8.51
CA LYS A 26 -5.13 9.88 -7.60
C LYS A 26 -5.35 9.44 -6.16
N LEU A 27 -6.13 8.38 -5.98
CA LEU A 27 -6.42 7.85 -4.65
C LEU A 27 -5.17 7.27 -4.01
N ALA A 28 -4.52 6.35 -4.73
CA ALA A 28 -3.30 5.73 -4.23
C ALA A 28 -2.15 6.72 -4.16
N LYS A 29 -2.23 7.77 -4.98
CA LYS A 29 -1.20 8.80 -5.01
C LYS A 29 -0.90 9.31 -3.61
N GLN A 30 -1.92 9.89 -2.98
CA GLN A 30 -1.77 10.44 -1.63
C GLN A 30 -1.37 9.34 -0.65
N LEU A 31 -1.75 8.10 -0.97
CA LEU A 31 -1.44 6.96 -0.11
C LEU A 31 0.04 6.58 -0.23
N MET A 32 0.63 6.89 -1.37
CA MET A 32 2.04 6.58 -1.61
C MET A 32 2.92 7.76 -1.27
N GLY A 33 2.31 8.82 -0.73
CA GLY A 33 3.06 10.01 -0.36
C GLY A 33 2.94 10.34 1.11
N ASN A 34 1.72 10.32 1.62
CA ASN A 34 1.47 10.63 3.03
C ASN A 34 1.72 9.39 3.90
N ASP A 35 2.74 9.47 4.76
CA ASP A 35 3.08 8.37 5.65
C ASP A 35 2.02 8.20 6.73
N LYS A 36 1.66 9.31 7.37
CA LYS A 36 0.65 9.28 8.43
C LYS A 36 -0.69 8.80 7.89
N LEU A 37 -0.89 8.96 6.59
CA LEU A 37 -2.14 8.54 5.95
C LEU A 37 -2.08 7.07 5.56
N ALA A 38 -1.07 6.72 4.76
CA ALA A 38 -0.90 5.35 4.32
C ALA A 38 -0.84 4.38 5.50
N ASP A 39 -0.33 4.88 6.63
CA ASP A 39 -0.22 4.06 7.83
C ASP A 39 -1.58 3.55 8.27
N ALA A 40 -2.59 4.41 8.17
CA ALA A 40 -3.95 4.05 8.57
C ALA A 40 -4.70 3.39 7.41
N ALA A 41 -4.20 3.60 6.20
CA ALA A 41 -4.82 3.04 5.01
C ALA A 41 -4.42 1.58 4.83
N TYR A 42 -3.11 1.32 4.77
CA TYR A 42 -2.61 -0.03 4.61
C TYR A 42 -3.21 -0.98 5.65
N ILE A 43 -3.51 -0.43 6.82
CA ILE A 43 -4.09 -1.21 7.90
C ILE A 43 -5.62 -1.29 7.78
N TRP A 44 -6.20 -0.29 7.11
CA TRP A 44 -7.64 -0.24 6.92
C TRP A 44 -8.11 -1.38 6.02
N TRP A 45 -7.52 -1.47 4.83
CA TRP A 45 -7.88 -2.51 3.88
C TRP A 45 -7.95 -3.87 4.56
N GLN A 46 -6.86 -4.24 5.23
CA GLN A 46 -6.79 -5.53 5.92
C GLN A 46 -7.99 -5.71 6.85
N HIS A 47 -8.40 -4.61 7.49
CA HIS A 47 -9.54 -4.65 8.40
C HIS A 47 -10.78 -5.21 7.72
N ASN A 48 -10.92 -4.92 6.43
CA ASN A 48 -12.06 -5.40 5.66
C ASN A 48 -11.72 -6.70 4.93
N ARG A 49 -10.71 -7.41 5.43
CA ARG A 49 -10.29 -8.67 4.83
C ARG A 49 -9.96 -8.48 3.36
N VAL A 50 -9.10 -7.51 3.06
CA VAL A 50 -8.70 -7.23 1.70
C VAL A 50 -7.77 -8.31 1.16
N THR A 51 -7.83 -8.55 -0.14
CA THR A 51 -7.00 -9.56 -0.78
C THR A 51 -5.88 -8.91 -1.59
N LEU A 52 -4.71 -9.55 -1.60
CA LEU A 52 -3.56 -9.03 -2.33
C LEU A 52 -3.93 -8.76 -3.79
N ASP A 53 -4.69 -9.67 -4.39
CA ASP A 53 -5.11 -9.52 -5.78
C ASP A 53 -5.88 -8.22 -5.98
N GLN A 54 -6.44 -7.70 -4.89
CA GLN A 54 -7.21 -6.46 -4.95
C GLN A 54 -6.28 -5.25 -4.88
N ILE A 55 -5.61 -5.07 -3.75
CA ILE A 55 -4.69 -3.95 -3.56
C ILE A 55 -3.63 -3.93 -4.66
N ASP A 56 -3.01 -5.07 -4.90
CA ASP A 56 -1.98 -5.18 -5.92
C ASP A 56 -2.48 -4.65 -7.26
N THR A 57 -3.79 -4.71 -7.47
CA THR A 57 -4.40 -4.25 -8.70
C THR A 57 -4.71 -2.75 -8.62
N PHE A 58 -4.98 -2.27 -7.42
CA PHE A 58 -5.30 -0.86 -7.21
C PHE A 58 -4.04 -0.01 -7.23
N LEU A 59 -3.15 -0.26 -6.28
CA LEU A 59 -1.89 0.47 -6.18
C LEU A 59 -1.13 0.44 -7.50
N LYS A 60 -0.98 -0.75 -8.05
CA LYS A 60 -0.27 -0.93 -9.32
C LYS A 60 -0.81 0.02 -10.37
N LEU A 61 -2.11 -0.05 -10.62
CA LEU A 61 -2.75 0.82 -11.61
C LEU A 61 -2.46 2.28 -11.32
N ALA A 62 -2.17 2.60 -10.06
CA ALA A 62 -1.86 3.96 -9.66
C ALA A 62 -0.39 4.27 -9.87
N SER A 63 0.45 3.25 -9.79
CA SER A 63 1.89 3.42 -9.97
C SER A 63 2.33 2.90 -11.34
N ARG A 64 3.65 2.81 -11.53
CA ARG A 64 4.20 2.33 -12.79
C ARG A 64 3.60 0.98 -13.16
N LYS A 65 3.82 0.56 -14.40
CA LYS A 65 3.30 -0.71 -14.90
C LYS A 65 4.36 -1.80 -14.80
N THR A 66 5.28 -1.66 -13.86
CA THR A 66 6.35 -2.62 -13.67
C THR A 66 6.08 -3.51 -12.45
N GLN A 67 4.95 -4.20 -12.46
CA GLN A 67 4.59 -5.09 -11.37
C GLN A 67 4.51 -4.31 -10.05
N GLY A 68 4.33 -3.00 -10.15
CA GLY A 68 4.25 -2.17 -8.97
C GLY A 68 5.41 -2.39 -8.02
N ALA A 69 6.54 -1.77 -8.32
CA ALA A 69 7.73 -1.89 -7.49
C ALA A 69 7.53 -1.24 -6.13
N LYS A 70 7.24 0.06 -6.15
CA LYS A 70 7.02 0.81 -4.92
C LYS A 70 5.71 0.38 -4.24
N TYR A 71 4.91 -0.39 -4.95
CA TYR A 71 3.64 -0.86 -4.43
C TYR A 71 3.85 -1.80 -3.24
N ASN A 72 4.90 -2.60 -3.32
CA ASN A 72 5.23 -3.55 -2.25
C ASN A 72 5.96 -2.85 -1.11
N GLN A 73 6.44 -1.63 -1.39
CA GLN A 73 7.18 -0.87 -0.38
C GLN A 73 6.25 -0.43 0.75
N ILE A 74 5.27 0.40 0.42
CA ILE A 74 4.32 0.88 1.41
C ILE A 74 3.35 -0.22 1.84
N TYR A 75 3.20 -1.23 0.99
CA TYR A 75 2.31 -2.34 1.28
C TYR A 75 3.03 -3.40 2.14
N ASN A 76 4.35 -3.40 2.08
CA ASN A 76 5.14 -4.35 2.85
C ASN A 76 4.71 -4.37 4.31
N SER A 77 4.24 -3.24 4.80
CA SER A 77 3.80 -3.12 6.18
C SER A 77 2.75 -4.19 6.51
N TYR A 78 1.96 -4.55 5.50
CA TYR A 78 0.92 -5.56 5.68
C TYR A 78 1.49 -6.96 5.48
N MET A 79 2.00 -7.23 4.28
CA MET A 79 2.56 -8.54 3.97
C MET A 79 3.55 -8.97 5.05
N MET A 80 4.23 -8.00 5.65
CA MET A 80 5.20 -8.29 6.70
C MET A 80 4.50 -8.66 8.01
N HIS A 81 3.44 -7.94 8.32
CA HIS A 81 2.67 -8.18 9.55
C HIS A 81 2.16 -9.62 9.58
N LEU A 82 1.44 -10.01 8.53
CA LEU A 82 0.89 -11.36 8.44
C LEU A 82 2.00 -12.40 8.29
N GLY A 83 3.10 -11.98 7.65
CA GLY A 83 4.22 -12.88 7.46
C GLY A 83 3.96 -13.89 6.36
N LEU A 84 3.16 -13.50 5.37
CA LEU A 84 2.83 -14.39 4.26
C LEU A 84 3.41 -13.86 2.95
N THR A 85 4.50 -13.09 3.07
CA THR A 85 5.15 -12.52 1.89
C THR A 85 5.77 -13.62 1.02
N GLY A 86 6.28 -13.23 -0.14
CA GLY A 86 6.90 -14.18 -1.04
C GLY A 86 6.22 -14.22 -2.40
N TYR A 87 5.55 -13.13 -2.76
CA TYR A 87 4.85 -13.04 -4.03
C TYR A 87 5.80 -12.62 -5.15
N GLU A 88 6.43 -11.46 -4.96
CA GLU A 88 7.36 -10.94 -5.96
C GLU A 88 8.61 -10.38 -5.28
N PRO A 89 9.43 -11.28 -4.73
CA PRO A 89 10.68 -10.90 -4.05
C PRO A 89 11.74 -10.38 -5.02
N ASN A 90 12.64 -9.56 -4.51
CA ASN A 90 13.71 -8.99 -5.32
C ASN A 90 14.77 -8.31 -4.46
N SER A 91 16.03 -8.59 -4.75
CA SER A 91 17.13 -8.00 -4.00
C SER A 91 17.53 -6.64 -4.56
N SER A 92 17.49 -5.62 -3.71
CA SER A 92 17.84 -4.27 -4.13
C SER A 92 18.28 -3.43 -2.94
N SER A 93 19.52 -2.94 -2.99
CA SER A 93 20.07 -2.12 -1.91
C SER A 93 21.33 -1.41 -2.37
N VAL A 94 21.69 -0.34 -1.65
CA VAL A 94 22.88 0.43 -1.98
C VAL A 94 23.91 0.36 -0.86
N ASP A 95 25.12 -0.09 -1.20
CA ASP A 95 26.19 -0.20 -0.21
C ASP A 95 27.34 0.75 -0.54
N LYS A 96 27.50 1.05 -1.83
CA LYS A 96 28.56 1.95 -2.28
C LYS A 96 28.46 3.30 -1.56
N LEU A 97 27.29 3.91 -1.61
CA LEU A 97 27.07 5.20 -0.96
C LEU A 97 27.52 5.16 0.49
N ALA A 98 27.15 4.09 1.19
CA ALA A 98 27.51 3.92 2.59
C ALA A 98 29.02 3.82 2.76
N ALA A 99 29.65 3.01 1.90
CA ALA A 99 31.09 2.82 1.96
C ALA A 99 31.82 4.04 1.43
N ALA A 100 32.65 4.64 2.28
CA ALA A 100 33.42 5.81 1.89
C ALA A 100 34.81 5.81 2.54
N LEU A 101 35.58 6.86 2.30
CA LEU A 101 36.92 6.98 2.85
C LEU A 101 36.95 7.98 4.00
N GLU A 102 38.06 7.98 4.74
CA GLU A 102 38.21 8.90 5.87
C GLU A 102 38.56 10.31 5.39
N PRO A 1 0.12 1.34 20.13
CA PRO A 1 -0.61 2.57 20.49
C PRO A 1 -2.00 2.28 21.03
N ASN A 2 -2.72 3.34 21.41
CA ASN A 2 -4.07 3.19 21.95
C ASN A 2 -5.11 3.56 20.90
N PHE A 3 -4.80 3.26 19.64
CA PHE A 3 -5.71 3.56 18.53
C PHE A 3 -6.72 2.43 18.35
N ASN A 4 -7.99 2.80 18.19
CA ASN A 4 -9.06 1.83 18.01
C ASN A 4 -9.06 1.28 16.58
N LEU A 5 -9.41 0.01 16.43
CA LEU A 5 -9.46 -0.62 15.13
C LEU A 5 -10.63 -0.10 14.31
N ALA A 6 -11.83 -0.18 14.87
CA ALA A 6 -13.03 0.29 14.20
C ALA A 6 -12.92 1.77 13.84
N SER A 7 -13.16 2.08 12.58
CA SER A 7 -13.08 3.46 12.10
C SER A 7 -14.35 3.85 11.33
N LEU A 8 -14.43 5.12 10.95
CA LEU A 8 -15.59 5.62 10.21
C LEU A 8 -15.15 6.38 8.97
N ASN A 9 -13.93 6.11 8.51
CA ASN A 9 -13.39 6.77 7.32
C ASN A 9 -13.22 5.78 6.18
N GLU A 10 -14.28 5.62 5.38
CA GLU A 10 -14.24 4.70 4.24
C GLU A 10 -14.21 5.46 2.93
N GLU A 11 -14.00 6.77 3.02
CA GLU A 11 -13.95 7.62 1.83
C GLU A 11 -12.54 8.18 1.62
N MET A 12 -11.55 7.47 2.14
CA MET A 12 -10.16 7.90 2.01
C MET A 12 -9.46 7.16 0.87
N PHE A 13 -9.72 5.86 0.77
CA PHE A 13 -9.12 5.04 -0.27
C PHE A 13 -10.15 4.09 -0.88
N ASN A 14 -10.51 3.06 -0.13
CA ASN A 14 -11.49 2.08 -0.59
C ASN A 14 -11.13 1.58 -1.98
N VAL A 15 -9.96 0.95 -2.11
CA VAL A 15 -9.51 0.42 -3.38
C VAL A 15 -10.50 -0.59 -3.95
N ALA A 16 -11.25 -1.23 -3.06
CA ALA A 16 -12.24 -2.22 -3.47
C ALA A 16 -13.52 -1.54 -3.97
N ALA A 17 -13.59 -0.23 -3.79
CA ALA A 17 -14.75 0.53 -4.23
C ALA A 17 -14.39 1.53 -5.32
N LEU A 18 -13.12 1.93 -5.34
CA LEU A 18 -12.63 2.88 -6.34
C LEU A 18 -12.07 2.16 -7.55
N THR A 19 -12.49 2.60 -8.74
CA THR A 19 -12.03 2.00 -9.98
C THR A 19 -11.85 3.05 -11.06
N LYS A 20 -10.64 3.15 -11.60
CA LYS A 20 -10.34 4.11 -12.65
C LYS A 20 -8.87 4.03 -13.07
N ARG A 21 -8.56 4.59 -14.23
CA ARG A 21 -7.19 4.57 -14.74
C ARG A 21 -6.34 5.60 -14.01
N ALA A 22 -6.63 6.88 -14.26
CA ALA A 22 -5.89 7.97 -13.63
C ALA A 22 -6.38 8.22 -12.20
N ASP A 23 -7.70 8.30 -12.04
CA ASP A 23 -8.29 8.53 -10.72
C ASP A 23 -7.69 7.60 -9.68
N ALA A 24 -7.33 6.40 -10.10
CA ALA A 24 -6.74 5.42 -9.20
C ALA A 24 -5.28 5.76 -8.90
N LYS A 25 -4.52 6.04 -9.94
CA LYS A 25 -3.10 6.39 -9.79
C LYS A 25 -2.94 7.61 -8.88
N LYS A 26 -3.84 8.57 -9.03
CA LYS A 26 -3.80 9.79 -8.23
C LYS A 26 -3.98 9.47 -6.75
N LEU A 27 -4.65 8.36 -6.47
CA LEU A 27 -4.90 7.95 -5.10
C LEU A 27 -3.69 7.21 -4.53
N ALA A 28 -3.15 6.29 -5.31
CA ALA A 28 -1.98 5.52 -4.89
C ALA A 28 -0.73 6.38 -4.84
N LYS A 29 -0.73 7.46 -5.62
CA LYS A 29 0.40 8.38 -5.67
C LYS A 29 0.75 8.88 -4.27
N GLN A 30 -0.21 9.53 -3.62
CA GLN A 30 0.00 10.05 -2.27
C GLN A 30 0.18 8.92 -1.27
N LEU A 31 -0.44 7.78 -1.54
CA LEU A 31 -0.33 6.62 -0.66
C LEU A 31 1.05 6.00 -0.75
N MET A 32 1.76 6.27 -1.85
CA MET A 32 3.09 5.73 -2.05
C MET A 32 4.15 6.73 -1.57
N GLY A 33 3.77 8.00 -1.48
CA GLY A 33 4.70 9.02 -1.04
C GLY A 33 4.53 9.37 0.43
N ASN A 34 3.32 9.77 0.80
CA ASN A 34 3.03 10.13 2.18
C ASN A 34 3.14 8.91 3.10
N ASP A 35 4.11 8.94 4.00
CA ASP A 35 4.32 7.84 4.94
C ASP A 35 3.30 7.89 6.08
N LYS A 36 3.16 9.07 6.68
CA LYS A 36 2.21 9.25 7.78
C LYS A 36 0.79 8.88 7.35
N LEU A 37 0.51 9.04 6.05
CA LEU A 37 -0.80 8.73 5.52
C LEU A 37 -0.91 7.25 5.15
N ALA A 38 0.01 6.79 4.31
CA ALA A 38 0.02 5.39 3.89
C ALA A 38 -0.03 4.46 5.09
N ASP A 39 0.54 4.91 6.21
CA ASP A 39 0.57 4.11 7.43
C ASP A 39 -0.84 3.72 7.86
N ALA A 40 -1.77 4.65 7.73
CA ALA A 40 -3.16 4.39 8.10
C ALA A 40 -3.93 3.77 6.95
N ALA A 41 -3.39 3.90 5.74
CA ALA A 41 -4.03 3.36 4.55
C ALA A 41 -3.75 1.86 4.42
N TYR A 42 -2.48 1.49 4.39
CA TYR A 42 -2.09 0.09 4.28
C TYR A 42 -2.76 -0.76 5.34
N ILE A 43 -3.05 -0.14 6.48
CA ILE A 43 -3.70 -0.84 7.58
C ILE A 43 -5.22 -0.81 7.44
N TRP A 44 -5.72 0.21 6.74
CA TRP A 44 -7.16 0.35 6.53
C TRP A 44 -7.68 -0.76 5.63
N TRP A 45 -7.07 -0.91 4.46
CA TRP A 45 -7.47 -1.93 3.50
C TRP A 45 -7.66 -3.28 4.19
N GLN A 46 -6.61 -3.71 4.89
CA GLN A 46 -6.65 -5.00 5.60
C GLN A 46 -7.88 -5.09 6.50
N HIS A 47 -8.25 -3.95 7.09
CA HIS A 47 -9.42 -3.90 7.97
C HIS A 47 -10.67 -4.39 7.25
N ASN A 48 -10.75 -4.11 5.95
CA ASN A 48 -11.89 -4.53 5.16
C ASN A 48 -11.61 -5.85 4.46
N ARG A 49 -10.73 -6.65 5.03
CA ARG A 49 -10.38 -7.95 4.47
C ARG A 49 -9.99 -7.81 3.00
N VAL A 50 -9.07 -6.88 2.72
CA VAL A 50 -8.62 -6.65 1.35
C VAL A 50 -7.73 -7.80 0.86
N THR A 51 -7.63 -7.94 -0.45
CA THR A 51 -6.81 -8.99 -1.04
C THR A 51 -5.65 -8.40 -1.84
N LEU A 52 -4.51 -9.07 -1.80
CA LEU A 52 -3.32 -8.62 -2.52
C LEU A 52 -3.64 -8.36 -3.99
N ASP A 53 -4.36 -9.30 -4.60
CA ASP A 53 -4.73 -9.17 -6.01
C ASP A 53 -5.48 -7.86 -6.26
N GLN A 54 -6.12 -7.35 -5.21
CA GLN A 54 -6.88 -6.10 -5.31
C GLN A 54 -5.95 -4.90 -5.18
N ILE A 55 -5.38 -4.73 -3.99
CA ILE A 55 -4.47 -3.61 -3.73
C ILE A 55 -3.36 -3.56 -4.76
N ASP A 56 -3.01 -4.73 -5.31
CA ASP A 56 -1.95 -4.82 -6.30
C ASP A 56 -2.36 -4.10 -7.59
N THR A 57 -3.49 -4.51 -8.16
CA THR A 57 -3.98 -3.92 -9.39
C THR A 57 -4.20 -2.42 -9.23
N PHE A 58 -4.31 -1.97 -7.99
CA PHE A 58 -4.52 -0.56 -7.70
C PHE A 58 -3.18 0.18 -7.62
N LEU A 59 -2.34 -0.23 -6.68
CA LEU A 59 -1.04 0.39 -6.48
C LEU A 59 -0.18 0.24 -7.74
N LYS A 60 -0.13 -0.98 -8.27
CA LYS A 60 0.65 -1.26 -9.47
C LYS A 60 0.32 -0.28 -10.58
N LEU A 61 -0.97 -0.10 -10.85
CA LEU A 61 -1.41 0.82 -11.89
C LEU A 61 -0.83 2.21 -11.67
N ALA A 62 -0.50 2.52 -10.42
CA ALA A 62 0.08 3.81 -10.08
C ALA A 62 1.57 3.86 -10.39
N SER A 63 2.23 2.71 -10.24
CA SER A 63 3.66 2.62 -10.51
C SER A 63 3.93 2.08 -11.91
N ARG A 64 5.20 1.93 -12.25
CA ARG A 64 5.59 1.43 -13.56
C ARG A 64 5.00 0.04 -13.80
N LYS A 65 4.98 -0.38 -15.06
CA LYS A 65 4.43 -1.69 -15.43
C LYS A 65 5.47 -2.78 -15.20
N THR A 66 5.93 -2.92 -13.96
CA THR A 66 6.90 -3.93 -13.61
C THR A 66 6.53 -4.66 -12.33
N GLN A 67 5.28 -5.11 -12.26
CA GLN A 67 4.78 -5.82 -11.09
C GLN A 67 4.83 -4.93 -9.85
N GLY A 68 4.92 -3.62 -10.07
CA GLY A 68 4.97 -2.69 -8.97
C GLY A 68 6.07 -3.03 -7.98
N ALA A 69 7.26 -2.48 -8.20
CA ALA A 69 8.40 -2.72 -7.33
C ALA A 69 8.20 -2.06 -5.97
N LYS A 70 8.02 -0.75 -5.99
CA LYS A 70 7.82 0.03 -4.76
C LYS A 70 6.47 -0.31 -4.12
N TYR A 71 5.61 -0.96 -4.90
CA TYR A 71 4.28 -1.34 -4.42
C TYR A 71 4.39 -2.30 -3.24
N ASN A 72 5.36 -3.19 -3.31
CA ASN A 72 5.57 -4.17 -2.24
C ASN A 72 6.37 -3.57 -1.09
N GLN A 73 6.97 -2.41 -1.34
CA GLN A 73 7.76 -1.73 -0.33
C GLN A 73 6.87 -1.16 0.77
N ILE A 74 6.01 -0.23 0.40
CA ILE A 74 5.10 0.39 1.35
C ILE A 74 4.02 -0.59 1.81
N TYR A 75 3.77 -1.60 0.98
CA TYR A 75 2.76 -2.60 1.29
C TYR A 75 3.34 -3.72 2.16
N ASN A 76 4.67 -3.86 2.11
CA ASN A 76 5.35 -4.88 2.89
C ASN A 76 4.90 -4.85 4.35
N SER A 77 4.56 -3.66 4.82
CA SER A 77 4.11 -3.48 6.20
C SER A 77 2.99 -4.46 6.54
N TYR A 78 2.19 -4.79 5.53
CA TYR A 78 1.08 -5.71 5.71
C TYR A 78 1.53 -7.16 5.58
N MET A 79 2.06 -7.49 4.40
CA MET A 79 2.53 -8.84 4.14
C MET A 79 3.47 -9.32 5.25
N MET A 80 4.19 -8.39 5.85
CA MET A 80 5.12 -8.71 6.93
C MET A 80 4.37 -8.93 8.25
N HIS A 81 3.38 -8.08 8.52
CA HIS A 81 2.59 -8.19 9.74
C HIS A 81 1.93 -9.56 9.83
N LEU A 82 1.07 -9.87 8.88
CA LEU A 82 0.36 -11.15 8.86
C LEU A 82 1.33 -12.29 8.55
N GLY A 83 2.35 -11.99 7.75
CA GLY A 83 3.33 -12.99 7.38
C GLY A 83 2.74 -14.09 6.50
N LEU A 84 1.82 -13.70 5.62
CA LEU A 84 1.17 -14.66 4.72
C LEU A 84 1.65 -14.45 3.29
N THR A 85 2.86 -13.92 3.14
CA THR A 85 3.44 -13.69 1.82
C THR A 85 3.71 -14.99 1.10
N GLY A 86 3.78 -14.93 -0.23
CA GLY A 86 4.05 -16.11 -1.02
C GLY A 86 3.67 -15.94 -2.48
N TYR A 87 4.08 -14.81 -3.06
CA TYR A 87 3.78 -14.52 -4.46
C TYR A 87 5.05 -14.51 -5.29
N GLU A 88 4.94 -14.05 -6.53
CA GLU A 88 6.07 -13.98 -7.44
C GLU A 88 7.22 -13.19 -6.80
N PRO A 89 8.46 -13.71 -6.97
CA PRO A 89 9.66 -13.07 -6.43
C PRO A 89 9.99 -11.77 -7.15
N ASN A 90 10.22 -10.70 -6.38
CA ASN A 90 10.55 -9.41 -6.94
C ASN A 90 11.92 -8.94 -6.45
N SER A 91 12.45 -7.91 -7.10
CA SER A 91 13.76 -7.36 -6.74
C SER A 91 13.68 -5.85 -6.56
N SER A 92 13.40 -5.42 -5.34
CA SER A 92 13.29 -4.00 -5.04
C SER A 92 13.41 -3.75 -3.53
N SER A 93 13.78 -2.53 -3.16
CA SER A 93 13.93 -2.17 -1.76
C SER A 93 14.36 -0.72 -1.61
N VAL A 94 14.62 -0.29 -0.38
CA VAL A 94 15.04 1.07 -0.10
C VAL A 94 15.62 1.20 1.29
N ASP A 95 16.77 1.86 1.40
CA ASP A 95 17.43 2.05 2.68
C ASP A 95 17.49 3.54 3.04
N LYS A 96 17.41 4.39 2.03
CA LYS A 96 17.45 5.83 2.24
C LYS A 96 16.41 6.28 3.26
N LEU A 97 15.32 5.51 3.35
CA LEU A 97 14.25 5.82 4.29
C LEU A 97 14.79 5.91 5.72
N ALA A 98 15.90 5.23 5.97
CA ALA A 98 16.52 5.23 7.29
C ALA A 98 16.93 6.65 7.70
N ALA A 99 17.33 7.45 6.71
CA ALA A 99 17.75 8.82 6.95
C ALA A 99 18.99 8.86 7.84
N ALA A 100 19.80 7.81 7.76
CA ALA A 100 21.02 7.73 8.56
C ALA A 100 21.98 8.87 8.21
N LEU A 101 22.59 9.45 9.24
CA LEU A 101 23.52 10.55 9.04
C LEU A 101 24.94 10.13 9.41
N GLU A 102 25.70 9.73 8.39
CA GLU A 102 27.08 9.30 8.61
C GLU A 102 27.87 9.34 7.29
N PRO A 1 -15.94 -6.47 22.48
CA PRO A 1 -16.93 -5.70 23.22
C PRO A 1 -17.88 -4.95 22.30
N ASN A 2 -18.74 -4.12 22.89
CA ASN A 2 -19.71 -3.35 22.11
C ASN A 2 -19.47 -1.84 22.28
N PHE A 3 -18.21 -1.48 22.52
CA PHE A 3 -17.85 -0.08 22.70
C PHE A 3 -17.37 0.54 21.39
N ASN A 4 -18.29 1.15 20.66
CA ASN A 4 -17.96 1.77 19.38
C ASN A 4 -18.28 3.27 19.41
N LEU A 5 -17.36 4.04 19.97
CA LEU A 5 -17.54 5.49 20.06
C LEU A 5 -16.58 6.22 19.13
N ALA A 6 -16.31 5.62 17.98
CA ALA A 6 -15.41 6.22 16.99
C ALA A 6 -16.11 6.44 15.66
N SER A 7 -15.46 7.17 14.77
CA SER A 7 -16.04 7.47 13.46
C SER A 7 -15.56 6.45 12.43
N LEU A 8 -16.19 6.46 11.25
CA LEU A 8 -15.84 5.55 10.18
C LEU A 8 -15.29 6.30 8.97
N ASN A 9 -13.98 6.47 8.91
CA ASN A 9 -13.34 7.17 7.81
C ASN A 9 -13.04 6.21 6.66
N GLU A 10 -13.91 6.22 5.65
CA GLU A 10 -13.74 5.36 4.49
C GLU A 10 -13.59 6.18 3.21
N GLU A 11 -13.25 7.46 3.38
CA GLU A 11 -13.08 8.36 2.24
C GLU A 11 -11.62 8.80 2.12
N MET A 12 -10.72 8.02 2.70
CA MET A 12 -9.29 8.33 2.65
C MET A 12 -8.59 7.51 1.57
N PHE A 13 -9.00 6.25 1.43
CA PHE A 13 -8.40 5.37 0.43
C PHE A 13 -9.47 4.52 -0.25
N ASN A 14 -10.08 3.62 0.51
CA ASN A 14 -11.12 2.75 -0.01
C ASN A 14 -10.76 2.25 -1.41
N VAL A 15 -9.71 1.45 -1.49
CA VAL A 15 -9.26 0.91 -2.77
C VAL A 15 -10.29 -0.06 -3.35
N ALA A 16 -11.05 -0.71 -2.48
CA ALA A 16 -12.08 -1.64 -2.91
C ALA A 16 -13.37 -0.92 -3.28
N ALA A 17 -13.40 0.38 -3.00
CA ALA A 17 -14.58 1.19 -3.30
C ALA A 17 -14.27 2.24 -4.37
N LEU A 18 -12.97 2.44 -4.63
CA LEU A 18 -12.54 3.41 -5.62
C LEU A 18 -12.12 2.72 -6.91
N THR A 19 -12.51 3.32 -8.04
CA THR A 19 -12.18 2.76 -9.35
C THR A 19 -11.87 3.85 -10.35
N LYS A 20 -10.67 3.81 -10.92
CA LYS A 20 -10.25 4.81 -11.91
C LYS A 20 -8.81 4.57 -12.35
N ARG A 21 -8.48 5.04 -13.54
CA ARG A 21 -7.14 4.87 -14.08
C ARG A 21 -6.16 5.84 -13.41
N ALA A 22 -6.34 7.12 -13.69
CA ALA A 22 -5.48 8.15 -13.11
C ALA A 22 -5.89 8.49 -11.69
N ASP A 23 -7.19 8.69 -11.48
CA ASP A 23 -7.71 9.02 -10.17
C ASP A 23 -7.17 8.05 -9.11
N ALA A 24 -6.91 6.81 -9.52
CA ALA A 24 -6.39 5.80 -8.60
C ALA A 24 -4.96 6.13 -8.19
N LYS A 25 -4.09 6.33 -9.19
CA LYS A 25 -2.69 6.65 -8.93
C LYS A 25 -2.57 7.89 -8.04
N LYS A 26 -3.54 8.78 -8.15
CA LYS A 26 -3.55 10.01 -7.36
C LYS A 26 -3.54 9.69 -5.86
N LEU A 27 -4.21 8.61 -5.49
CA LEU A 27 -4.28 8.20 -4.10
C LEU A 27 -3.10 7.32 -3.73
N ALA A 28 -2.74 6.42 -4.64
CA ALA A 28 -1.62 5.50 -4.42
C ALA A 28 -0.30 6.27 -4.34
N LYS A 29 -0.26 7.43 -4.96
CA LYS A 29 0.94 8.26 -4.96
C LYS A 29 1.26 8.75 -3.55
N GLN A 30 0.35 9.51 -2.97
CA GLN A 30 0.54 10.03 -1.62
C GLN A 30 0.74 8.90 -0.61
N LEU A 31 0.10 7.77 -0.88
CA LEU A 31 0.19 6.61 0.00
C LEU A 31 1.57 5.97 -0.10
N MET A 32 2.24 6.17 -1.23
CA MET A 32 3.56 5.61 -1.45
C MET A 32 4.64 6.65 -1.17
N GLY A 33 4.21 7.83 -0.71
CA GLY A 33 5.16 8.89 -0.40
C GLY A 33 5.15 9.26 1.07
N ASN A 34 3.96 9.37 1.64
CA ASN A 34 3.81 9.73 3.05
C ASN A 34 3.89 8.49 3.94
N ASP A 35 4.96 8.39 4.72
CA ASP A 35 5.16 7.25 5.61
C ASP A 35 4.20 7.31 6.79
N LYS A 36 3.83 8.53 7.18
CA LYS A 36 2.91 8.73 8.30
C LYS A 36 1.48 8.39 7.89
N LEU A 37 1.13 8.73 6.65
CA LEU A 37 -0.22 8.46 6.14
C LEU A 37 -0.36 7.00 5.76
N ALA A 38 0.56 6.49 4.95
CA ALA A 38 0.53 5.11 4.51
C ALA A 38 0.43 4.15 5.70
N ASP A 39 1.06 4.55 6.81
CA ASP A 39 1.04 3.72 8.01
C ASP A 39 -0.39 3.42 8.45
N ALA A 40 -1.25 4.43 8.35
CA ALA A 40 -2.65 4.28 8.72
C ALA A 40 -3.48 3.72 7.56
N ALA A 41 -2.93 3.83 6.36
CA ALA A 41 -3.62 3.34 5.17
C ALA A 41 -3.46 1.82 5.03
N TYR A 42 -2.22 1.36 4.97
CA TYR A 42 -1.93 -0.06 4.82
C TYR A 42 -2.66 -0.86 5.90
N ILE A 43 -2.90 -0.24 7.04
CA ILE A 43 -3.59 -0.90 8.15
C ILE A 43 -5.11 -0.76 8.01
N TRP A 44 -5.53 0.33 7.37
CA TRP A 44 -6.96 0.57 7.17
C TRP A 44 -7.56 -0.46 6.22
N TRP A 45 -6.91 -0.65 5.08
CA TRP A 45 -7.39 -1.61 4.09
C TRP A 45 -7.69 -2.96 4.73
N GLN A 46 -6.70 -3.52 5.41
CA GLN A 46 -6.87 -4.81 6.08
C GLN A 46 -8.08 -4.79 7.00
N HIS A 47 -8.35 -3.64 7.60
CA HIS A 47 -9.48 -3.50 8.50
C HIS A 47 -10.78 -3.87 7.80
N ASN A 48 -10.82 -3.68 6.49
CA ASN A 48 -12.02 -3.99 5.71
C ASN A 48 -11.85 -5.31 4.98
N ARG A 49 -11.00 -6.18 5.51
CA ARG A 49 -10.75 -7.49 4.92
C ARG A 49 -10.37 -7.34 3.44
N VAL A 50 -9.42 -6.45 3.16
CA VAL A 50 -8.97 -6.21 1.80
C VAL A 50 -8.18 -7.40 1.27
N THR A 51 -8.12 -7.53 -0.05
CA THR A 51 -7.40 -8.62 -0.69
C THR A 51 -6.21 -8.11 -1.49
N LEU A 52 -5.12 -8.87 -1.48
CA LEU A 52 -3.91 -8.49 -2.22
C LEU A 52 -4.24 -8.17 -3.68
N ASP A 53 -5.04 -9.03 -4.29
CA ASP A 53 -5.42 -8.86 -5.68
C ASP A 53 -6.07 -7.48 -5.90
N GLN A 54 -6.63 -6.93 -4.83
CA GLN A 54 -7.28 -5.62 -4.90
C GLN A 54 -6.26 -4.50 -4.76
N ILE A 55 -5.65 -4.41 -3.57
CA ILE A 55 -4.66 -3.37 -3.31
C ILE A 55 -3.56 -3.39 -4.36
N ASP A 56 -3.12 -4.58 -4.75
CA ASP A 56 -2.08 -4.73 -5.76
C ASP A 56 -2.47 -4.01 -7.04
N THR A 57 -3.63 -4.37 -7.60
CA THR A 57 -4.11 -3.76 -8.83
C THR A 57 -4.25 -2.25 -8.68
N PHE A 58 -4.32 -1.79 -7.44
CA PHE A 58 -4.46 -0.36 -7.17
C PHE A 58 -3.09 0.31 -7.12
N LEU A 59 -2.24 -0.12 -6.19
CA LEU A 59 -0.91 0.45 -6.04
C LEU A 59 -0.08 0.22 -7.30
N LYS A 60 -0.11 -1.00 -7.81
CA LYS A 60 0.63 -1.35 -9.02
C LYS A 60 0.33 -0.36 -10.15
N LEU A 61 -0.95 -0.11 -10.37
CA LEU A 61 -1.37 0.81 -11.43
C LEU A 61 -0.70 2.17 -11.25
N ALA A 62 -0.31 2.48 -10.02
CA ALA A 62 0.35 3.75 -9.72
C ALA A 62 1.86 3.58 -9.69
N SER A 63 2.32 2.34 -9.52
CA SER A 63 3.75 2.05 -9.46
C SER A 63 4.29 1.74 -10.85
N ARG A 64 5.52 1.24 -10.90
CA ARG A 64 6.15 0.89 -12.17
C ARG A 64 5.92 -0.57 -12.51
N LYS A 65 6.65 -1.08 -13.50
CA LYS A 65 6.52 -2.46 -13.93
C LYS A 65 6.86 -3.42 -12.78
N THR A 66 7.03 -4.69 -13.11
CA THR A 66 7.36 -5.70 -12.12
C THR A 66 6.28 -5.79 -11.04
N GLN A 67 5.05 -5.46 -11.42
CA GLN A 67 3.93 -5.49 -10.49
C GLN A 67 4.19 -4.58 -9.29
N GLY A 68 4.60 -3.35 -9.57
CA GLY A 68 4.87 -2.40 -8.51
C GLY A 68 5.94 -2.89 -7.56
N ALA A 69 7.18 -2.44 -7.78
CA ALA A 69 8.29 -2.83 -6.93
C ALA A 69 8.17 -2.21 -5.54
N LYS A 70 8.12 -0.89 -5.49
CA LYS A 70 7.99 -0.18 -4.22
C LYS A 70 6.62 -0.42 -3.58
N TYR A 71 5.72 -1.00 -4.36
CA TYR A 71 4.37 -1.29 -3.88
C TYR A 71 4.40 -2.31 -2.75
N ASN A 72 5.34 -3.25 -2.83
CA ASN A 72 5.48 -4.29 -1.82
C ASN A 72 6.29 -3.78 -0.63
N GLN A 73 6.96 -2.65 -0.82
CA GLN A 73 7.76 -2.06 0.24
C GLN A 73 6.89 -1.53 1.37
N ILE A 74 6.06 -0.54 1.04
CA ILE A 74 5.17 0.06 2.03
C ILE A 74 4.03 -0.91 2.40
N TYR A 75 3.77 -1.86 1.52
CA TYR A 75 2.71 -2.83 1.74
C TYR A 75 3.23 -4.01 2.57
N ASN A 76 4.54 -4.21 2.53
CA ASN A 76 5.16 -5.31 3.27
C ASN A 76 4.69 -5.33 4.72
N SER A 77 4.41 -4.15 5.25
CA SER A 77 3.95 -4.02 6.63
C SER A 77 2.74 -4.92 6.89
N TYR A 78 1.90 -5.07 5.87
CA TYR A 78 0.71 -5.90 5.99
C TYR A 78 1.06 -7.38 5.85
N MET A 79 1.63 -7.73 4.70
CA MET A 79 2.02 -9.12 4.44
C MET A 79 2.84 -9.68 5.60
N MET A 80 3.59 -8.80 6.27
CA MET A 80 4.43 -9.21 7.38
C MET A 80 3.59 -9.43 8.63
N HIS A 81 2.76 -8.45 8.97
CA HIS A 81 1.90 -8.54 10.15
C HIS A 81 1.09 -9.83 10.12
N LEU A 82 0.50 -10.14 8.98
CA LEU A 82 -0.30 -11.35 8.83
C LEU A 82 0.58 -12.59 8.81
N GLY A 83 1.79 -12.44 8.27
CA GLY A 83 2.71 -13.56 8.20
C GLY A 83 2.39 -14.52 7.07
N LEU A 84 1.90 -13.97 5.97
CA LEU A 84 1.54 -14.78 4.80
C LEU A 84 2.29 -14.30 3.56
N THR A 85 3.45 -13.71 3.77
CA THR A 85 4.26 -13.21 2.66
C THR A 85 4.77 -14.34 1.78
N GLY A 86 5.28 -13.99 0.61
CA GLY A 86 5.79 -15.00 -0.31
C GLY A 86 5.17 -14.90 -1.68
N TYR A 87 4.97 -13.66 -2.15
CA TYR A 87 4.37 -13.44 -3.46
C TYR A 87 5.44 -13.21 -4.52
N GLU A 88 6.55 -13.94 -4.40
CA GLU A 88 7.64 -13.82 -5.36
C GLU A 88 8.20 -12.40 -5.36
N PRO A 89 9.10 -12.12 -4.42
CA PRO A 89 9.73 -10.80 -4.30
C PRO A 89 10.69 -10.50 -5.45
N ASN A 90 11.18 -9.27 -5.50
CA ASN A 90 12.10 -8.85 -6.55
C ASN A 90 13.55 -9.07 -6.11
N SER A 91 14.46 -9.06 -7.09
CA SER A 91 15.87 -9.27 -6.81
C SER A 91 16.67 -8.00 -7.09
N SER A 92 16.22 -7.22 -8.08
CA SER A 92 16.88 -5.99 -8.44
C SER A 92 16.88 -5.00 -7.28
N SER A 93 17.86 -4.11 -7.26
CA SER A 93 17.98 -3.11 -6.20
C SER A 93 18.89 -1.97 -6.62
N VAL A 94 19.06 -0.99 -5.74
CA VAL A 94 19.91 0.15 -6.02
C VAL A 94 20.79 0.49 -4.82
N ASP A 95 22.07 0.71 -5.09
CA ASP A 95 23.02 1.04 -4.02
C ASP A 95 23.52 2.48 -4.17
N LYS A 96 23.68 2.93 -5.41
CA LYS A 96 24.15 4.28 -5.68
C LYS A 96 23.22 5.31 -5.05
N LEU A 97 21.93 5.02 -5.04
CA LEU A 97 20.94 5.93 -4.46
C LEU A 97 21.12 6.03 -2.95
N ALA A 98 21.44 4.90 -2.32
CA ALA A 98 21.64 4.86 -0.87
C ALA A 98 22.64 5.93 -0.44
N ALA A 99 23.64 6.18 -1.27
CA ALA A 99 24.66 7.18 -0.97
C ALA A 99 24.20 8.57 -1.38
N ALA A 100 24.96 9.58 -0.96
CA ALA A 100 24.63 10.96 -1.28
C ALA A 100 25.87 11.73 -1.74
N LEU A 101 25.68 12.62 -2.70
CA LEU A 101 26.78 13.42 -3.23
C LEU A 101 27.87 12.53 -3.80
N GLU A 102 27.49 11.64 -4.71
CA GLU A 102 28.43 10.72 -5.34
C GLU A 102 28.79 11.19 -6.75
N PRO A 1 -17.35 9.22 26.58
CA PRO A 1 -16.22 8.29 26.68
C PRO A 1 -15.74 7.82 25.32
N ASN A 2 -16.68 7.42 24.47
CA ASN A 2 -16.35 6.93 23.14
C ASN A 2 -15.35 5.79 23.20
N PHE A 3 -15.58 4.85 24.12
CA PHE A 3 -14.71 3.70 24.29
C PHE A 3 -15.00 2.64 23.24
N ASN A 4 -14.71 2.96 21.97
CA ASN A 4 -14.95 2.03 20.88
C ASN A 4 -13.84 2.14 19.84
N LEU A 5 -13.39 0.98 19.35
CA LEU A 5 -12.33 0.94 18.35
C LEU A 5 -12.91 1.02 16.94
N ALA A 6 -13.28 2.23 16.52
CA ALA A 6 -13.85 2.44 15.21
C ALA A 6 -13.91 3.93 14.86
N SER A 7 -13.34 4.29 13.71
CA SER A 7 -13.32 5.68 13.26
C SER A 7 -14.09 5.84 11.96
N LEU A 8 -14.04 7.05 11.40
CA LEU A 8 -14.74 7.35 10.16
C LEU A 8 -13.75 7.60 9.03
N ASN A 9 -12.57 6.98 9.14
CA ASN A 9 -11.53 7.15 8.12
C ASN A 9 -11.66 6.08 7.04
N GLU A 10 -12.88 5.89 6.55
CA GLU A 10 -13.14 4.90 5.50
C GLU A 10 -13.30 5.57 4.14
N GLU A 11 -13.05 6.88 4.10
CA GLU A 11 -13.16 7.63 2.87
C GLU A 11 -11.81 8.18 2.43
N MET A 12 -10.76 7.41 2.68
CA MET A 12 -9.40 7.83 2.32
C MET A 12 -8.89 7.03 1.12
N PHE A 13 -9.23 5.74 1.07
CA PHE A 13 -8.81 4.88 -0.02
C PHE A 13 -9.91 3.88 -0.37
N ASN A 14 -10.08 2.87 0.47
CA ASN A 14 -11.09 1.84 0.24
C ASN A 14 -11.03 1.32 -1.20
N VAL A 15 -9.94 0.65 -1.52
CA VAL A 15 -9.75 0.10 -2.86
C VAL A 15 -10.86 -0.89 -3.21
N ALA A 16 -11.55 -1.38 -2.18
CA ALA A 16 -12.63 -2.33 -2.37
C ALA A 16 -13.95 -1.61 -2.63
N ALA A 17 -13.95 -0.30 -2.47
CA ALA A 17 -15.14 0.50 -2.70
C ALA A 17 -14.92 1.52 -3.82
N LEU A 18 -13.66 1.85 -4.06
CA LEU A 18 -13.31 2.81 -5.11
C LEU A 18 -13.05 2.10 -6.44
N THR A 19 -13.61 2.64 -7.51
CA THR A 19 -13.43 2.06 -8.84
C THR A 19 -13.30 3.14 -9.90
N LYS A 20 -12.18 3.11 -10.63
CA LYS A 20 -11.94 4.09 -11.68
C LYS A 20 -10.58 3.86 -12.33
N ARG A 21 -10.45 4.29 -13.58
CA ARG A 21 -9.20 4.13 -14.32
C ARG A 21 -8.16 5.13 -13.84
N ALA A 22 -8.39 6.41 -14.13
CA ALA A 22 -7.48 7.47 -13.72
C ALA A 22 -7.67 7.85 -12.27
N ASP A 23 -8.93 8.04 -11.87
CA ASP A 23 -9.25 8.42 -10.50
C ASP A 23 -8.52 7.51 -9.51
N ALA A 24 -8.34 6.25 -9.89
CA ALA A 24 -7.66 5.28 -9.04
C ALA A 24 -6.15 5.49 -9.07
N LYS A 25 -5.62 5.77 -10.25
CA LYS A 25 -4.19 5.99 -10.42
C LYS A 25 -3.73 7.21 -9.63
N LYS A 26 -4.64 8.16 -9.43
CA LYS A 26 -4.33 9.38 -8.70
C LYS A 26 -4.36 9.12 -7.19
N LEU A 27 -5.16 8.15 -6.78
CA LEU A 27 -5.29 7.80 -5.37
C LEU A 27 -4.01 7.13 -4.86
N ALA A 28 -3.50 6.17 -5.63
CA ALA A 28 -2.28 5.47 -5.26
C ALA A 28 -1.05 6.34 -5.47
N LYS A 29 -1.17 7.31 -6.37
CA LYS A 29 -0.06 8.23 -6.66
C LYS A 29 0.49 8.83 -5.38
N GLN A 30 -0.39 9.45 -4.59
CA GLN A 30 0.01 10.07 -3.34
C GLN A 30 0.41 9.03 -2.31
N LEU A 31 -0.22 7.85 -2.39
CA LEU A 31 0.07 6.76 -1.46
C LEU A 31 1.47 6.20 -1.70
N MET A 32 1.96 6.36 -2.93
CA MET A 32 3.29 5.88 -3.28
C MET A 32 4.33 7.00 -3.19
N GLY A 33 3.85 8.24 -3.17
CA GLY A 33 4.75 9.37 -3.09
C GLY A 33 5.00 9.80 -1.66
N ASN A 34 3.98 9.71 -0.82
CA ASN A 34 4.10 10.09 0.59
C ASN A 34 4.16 8.86 1.48
N ASP A 35 5.27 8.70 2.18
CA ASP A 35 5.47 7.56 3.07
C ASP A 35 4.72 7.77 4.38
N LYS A 36 4.45 9.03 4.71
CA LYS A 36 3.74 9.37 5.94
C LYS A 36 2.28 8.90 5.88
N LEU A 37 1.65 9.13 4.73
CA LEU A 37 0.25 8.73 4.54
C LEU A 37 0.15 7.23 4.27
N ALA A 38 1.00 6.74 3.38
CA ALA A 38 1.01 5.33 3.04
C ALA A 38 1.16 4.46 4.27
N ASP A 39 1.79 5.01 5.31
CA ASP A 39 2.00 4.29 6.55
C ASP A 39 0.66 3.88 7.17
N ALA A 40 -0.30 4.80 7.16
CA ALA A 40 -1.62 4.53 7.72
C ALA A 40 -2.53 3.88 6.69
N ALA A 41 -2.19 4.05 5.41
CA ALA A 41 -2.99 3.48 4.33
C ALA A 41 -2.71 1.99 4.18
N TYR A 42 -1.45 1.65 3.99
CA TYR A 42 -1.05 0.24 3.82
C TYR A 42 -1.61 -0.61 4.96
N ILE A 43 -1.74 -0.01 6.14
CA ILE A 43 -2.26 -0.71 7.30
C ILE A 43 -3.77 -0.67 7.34
N TRP A 44 -4.35 0.38 6.77
CA TRP A 44 -5.80 0.55 6.73
C TRP A 44 -6.45 -0.59 5.96
N TRP A 45 -6.02 -0.80 4.73
CA TRP A 45 -6.56 -1.86 3.89
C TRP A 45 -6.63 -3.18 4.65
N GLN A 46 -5.50 -3.59 5.21
CA GLN A 46 -5.43 -4.84 5.98
C GLN A 46 -6.50 -4.86 7.06
N HIS A 47 -6.79 -3.70 7.64
CA HIS A 47 -7.79 -3.60 8.69
C HIS A 47 -9.14 -4.10 8.21
N ASN A 48 -9.42 -3.90 6.93
CA ASN A 48 -10.68 -4.33 6.34
C ASN A 48 -10.52 -5.67 5.62
N ARG A 49 -9.53 -6.45 6.06
CA ARG A 49 -9.28 -7.75 5.46
C ARG A 49 -9.14 -7.65 3.95
N VAL A 50 -8.25 -6.78 3.50
CA VAL A 50 -8.02 -6.58 2.07
C VAL A 50 -7.27 -7.75 1.46
N THR A 51 -7.56 -8.04 0.19
CA THR A 51 -6.90 -9.14 -0.50
C THR A 51 -5.87 -8.62 -1.49
N LEU A 52 -4.78 -9.37 -1.64
CA LEU A 52 -3.71 -8.99 -2.56
C LEU A 52 -4.26 -8.73 -3.95
N ASP A 53 -5.16 -9.60 -4.41
CA ASP A 53 -5.77 -9.47 -5.72
C ASP A 53 -6.45 -8.10 -5.87
N GLN A 54 -6.80 -7.50 -4.74
CA GLN A 54 -7.45 -6.19 -4.75
C GLN A 54 -6.43 -5.07 -4.86
N ILE A 55 -5.60 -4.92 -3.84
CA ILE A 55 -4.57 -3.88 -3.84
C ILE A 55 -3.67 -3.99 -5.07
N ASP A 56 -3.21 -5.20 -5.35
CA ASP A 56 -2.34 -5.44 -6.50
C ASP A 56 -2.99 -4.93 -7.78
N THR A 57 -4.31 -4.86 -7.79
CA THR A 57 -5.05 -4.38 -8.95
C THR A 57 -5.20 -2.86 -8.92
N PHE A 58 -5.17 -2.28 -7.72
CA PHE A 58 -5.30 -0.84 -7.56
C PHE A 58 -3.96 -0.15 -7.71
N LEU A 59 -3.03 -0.46 -6.80
CA LEU A 59 -1.70 0.14 -6.83
C LEU A 59 -1.07 -0.01 -8.21
N LYS A 60 -1.07 -1.23 -8.73
CA LYS A 60 -0.51 -1.51 -10.05
C LYS A 60 -1.06 -0.55 -11.09
N LEU A 61 -2.39 -0.41 -11.12
CA LEU A 61 -3.05 0.47 -12.07
C LEU A 61 -2.50 1.89 -11.96
N ALA A 62 -1.96 2.23 -10.81
CA ALA A 62 -1.39 3.55 -10.57
C ALA A 62 -0.08 3.72 -11.33
N SER A 63 0.64 2.61 -11.52
CA SER A 63 1.91 2.63 -12.22
C SER A 63 1.74 2.21 -13.68
N ARG A 64 1.30 0.96 -13.88
CA ARG A 64 1.10 0.43 -15.22
C ARG A 64 2.40 0.46 -16.02
N LYS A 65 3.38 -0.32 -15.57
CA LYS A 65 4.67 -0.38 -16.24
C LYS A 65 5.19 -1.82 -16.30
N THR A 66 5.51 -2.37 -15.13
CA THR A 66 6.01 -3.74 -15.05
C THR A 66 5.34 -4.51 -13.92
N GLN A 67 4.06 -4.79 -14.08
CA GLN A 67 3.30 -5.52 -13.06
C GLN A 67 3.46 -4.85 -11.69
N GLY A 68 3.66 -3.54 -11.70
CA GLY A 68 3.82 -2.81 -10.45
C GLY A 68 5.01 -3.30 -9.64
N ALA A 69 6.21 -2.85 -10.00
CA ALA A 69 7.43 -3.25 -9.31
C ALA A 69 7.50 -2.61 -7.93
N LYS A 70 7.47 -1.28 -7.89
CA LYS A 70 7.53 -0.55 -6.63
C LYS A 70 6.28 -0.80 -5.79
N TYR A 71 5.26 -1.36 -6.42
CA TYR A 71 3.99 -1.65 -5.74
C TYR A 71 4.23 -2.63 -4.58
N ASN A 72 5.15 -3.55 -4.76
CA ASN A 72 5.47 -4.54 -3.74
C ASN A 72 6.43 -3.96 -2.70
N GLN A 73 7.02 -2.81 -3.02
CA GLN A 73 7.95 -2.15 -2.11
C GLN A 73 7.22 -1.57 -0.91
N ILE A 74 6.34 -0.61 -1.16
CA ILE A 74 5.56 0.02 -0.10
C ILE A 74 4.53 -0.94 0.48
N TYR A 75 4.16 -1.95 -0.30
CA TYR A 75 3.18 -2.94 0.13
C TYR A 75 3.84 -4.05 0.94
N ASN A 76 5.14 -4.23 0.72
CA ASN A 76 5.90 -5.26 1.43
C ASN A 76 5.66 -5.17 2.93
N SER A 77 5.43 -3.95 3.41
CA SER A 77 5.20 -3.73 4.83
C SER A 77 4.05 -4.61 5.34
N TYR A 78 3.11 -4.92 4.46
CA TYR A 78 1.97 -5.76 4.81
C TYR A 78 2.31 -7.24 4.67
N MET A 79 2.66 -7.65 3.46
CA MET A 79 3.00 -9.04 3.18
C MET A 79 4.05 -9.53 4.17
N MET A 80 4.96 -8.65 4.56
CA MET A 80 6.02 -9.00 5.50
C MET A 80 5.45 -9.21 6.90
N HIS A 81 4.53 -8.34 7.31
CA HIS A 81 3.91 -8.42 8.62
C HIS A 81 2.96 -9.62 8.69
N LEU A 82 2.49 -10.06 7.54
CA LEU A 82 1.57 -11.19 7.47
C LEU A 82 2.34 -12.52 7.48
N GLY A 83 3.51 -12.51 6.87
CA GLY A 83 4.32 -13.72 6.82
C GLY A 83 3.90 -14.65 5.71
N LEU A 84 3.56 -14.09 4.56
CA LEU A 84 3.13 -14.88 3.41
C LEU A 84 3.72 -14.32 2.12
N THR A 85 4.63 -13.37 2.24
CA THR A 85 5.27 -12.75 1.10
C THR A 85 5.99 -13.79 0.24
N GLY A 86 6.30 -13.43 -1.00
CA GLY A 86 6.98 -14.34 -1.89
C GLY A 86 6.23 -14.57 -3.19
N TYR A 87 5.51 -13.54 -3.63
CA TYR A 87 4.74 -13.63 -4.87
C TYR A 87 5.64 -13.46 -6.09
N GLU A 88 6.25 -12.29 -6.21
CA GLU A 88 7.13 -12.00 -7.33
C GLU A 88 8.25 -11.04 -6.92
N PRO A 89 9.20 -11.56 -6.13
CA PRO A 89 10.34 -10.77 -5.64
C PRO A 89 11.31 -10.41 -6.75
N ASN A 90 11.91 -9.23 -6.66
CA ASN A 90 12.86 -8.77 -7.67
C ASN A 90 14.20 -8.41 -7.02
N SER A 91 15.20 -8.14 -7.85
CA SER A 91 16.52 -7.79 -7.37
C SER A 91 16.55 -6.36 -6.84
N SER A 92 16.61 -6.22 -5.52
CA SER A 92 16.63 -4.91 -4.88
C SER A 92 17.69 -4.86 -3.78
N SER A 93 18.41 -3.75 -3.71
CA SER A 93 19.46 -3.58 -2.71
C SER A 93 19.73 -2.10 -2.46
N VAL A 94 20.40 -1.80 -1.34
CA VAL A 94 20.73 -0.43 -1.00
C VAL A 94 22.06 -0.36 -0.26
N ASP A 95 22.77 0.76 -0.44
CA ASP A 95 24.07 0.96 0.19
C ASP A 95 24.11 2.29 0.92
N LYS A 96 22.94 2.77 1.33
CA LYS A 96 22.84 4.05 2.05
C LYS A 96 23.13 3.86 3.53
N LEU A 97 22.55 2.83 4.12
CA LEU A 97 22.74 2.55 5.54
C LEU A 97 24.23 2.48 5.88
N ALA A 98 25.03 2.06 4.91
CA ALA A 98 26.48 1.96 5.10
C ALA A 98 27.08 3.32 5.45
N ALA A 99 26.66 4.35 4.72
CA ALA A 99 27.16 5.69 4.95
C ALA A 99 26.08 6.60 5.54
N ALA A 100 25.80 6.41 6.83
CA ALA A 100 24.79 7.20 7.52
C ALA A 100 25.31 7.72 8.84
N LEU A 101 24.72 8.82 9.31
CA LEU A 101 25.14 9.43 10.58
C LEU A 101 24.05 9.26 11.64
N GLU A 102 24.47 8.94 12.85
CA GLU A 102 23.54 8.74 13.96
C GLU A 102 23.47 10.00 14.85
#